data_2HA9
#
_entry.id   2HA9
#
_cell.length_a   119.906
_cell.length_b   139.963
_cell.length_c   148.896
_cell.angle_alpha   90.00
_cell.angle_beta   90.00
_cell.angle_gamma   90.00
#
_symmetry.space_group_name_H-M   'C 2 2 21'
#
loop_
_entity.id
_entity.type
_entity.pdbx_description
1 polymer 'UPF0210 protein SP0239'
2 water water
#
_entity_poly.entity_id   1
_entity_poly.type   'polypeptide(L)'
_entity_poly.pdbx_seq_one_letter_code
;A(MSE)DIRQVTETIA(MSE)IEEQNFDIRTIT(MSE)GISLLDCIDPDINRAAEKIYQKITTKAANLVAVGDEIAAELG
IPIVNKRVSVTPISLIGAATDATDYVVLAKALDKAAKEIGVDFIGGFSALVQKGYQKGDEILINSIPRALAETDKVCSSV
NIGSTKSGIN(MSE)TAVAD(MSE)GRIIKETANLSD(MSE)GVAKLVVFANAVEDNPF(MSE)AGAFHGVGEADVIINV
GVSGPGVVKRALEKVRGQSFDVVAETVKKTAFKITRIGQLVGQ(MSE)ASERLGVEFGIVDLSLAPTPAVGDSVARVLEE
(MSE)GLETVGTHGTTAALALLNDQVKKGGV(MSE)ACNQVGGLSGAFIPVSEDEG(MSE)IAAVQNGSLNLEKLEA
(MSE)TAICSVGLD(MSE)IAIPEDTPAETIAA(MSE)IADEAAIGVIN(MSE)KTTAVRIIPKGKEGD(MSE)IEFGGL
LGTAPV(MSE)KVNGASSVDFISRGGQIPAPIHSFKN
;
_entity_poly.pdbx_strand_id   A,B
#
# COMPACT_ATOMS: atom_id res chain seq x y z
N ALA A 1 12.57 -6.07 -33.44
CA ALA A 1 12.86 -6.34 -32.09
C ALA A 1 14.34 -6.61 -32.14
N ASP A 3 17.46 -7.63 -33.45
CA ASP A 3 18.24 -8.51 -34.26
C ASP A 3 17.23 -9.16 -35.21
N ILE A 4 17.61 -9.55 -36.44
CA ILE A 4 16.56 -10.01 -37.37
C ILE A 4 15.85 -11.26 -36.93
N ARG A 5 16.55 -12.21 -36.30
CA ARG A 5 15.83 -13.32 -35.75
C ARG A 5 14.77 -12.85 -34.80
N GLN A 6 15.10 -11.97 -33.84
CA GLN A 6 14.09 -11.45 -32.90
C GLN A 6 12.88 -10.86 -33.66
N VAL A 7 13.18 -10.07 -34.73
CA VAL A 7 12.17 -9.46 -35.57
C VAL A 7 11.26 -10.53 -36.15
N THR A 8 11.85 -11.60 -36.64
CA THR A 8 11.04 -12.71 -37.12
C THR A 8 10.16 -13.27 -36.03
N GLU A 9 10.74 -13.61 -34.88
CA GLU A 9 9.92 -14.21 -33.83
C GLU A 9 8.80 -13.28 -33.42
N THR A 10 9.06 -12.00 -33.47
CA THR A 10 8.08 -11.09 -32.98
C THR A 10 6.99 -11.08 -33.98
N ILE A 11 7.31 -10.97 -35.24
CA ILE A 11 6.25 -11.05 -36.29
C ILE A 11 5.38 -12.30 -36.21
N ALA A 12 6.03 -13.45 -35.99
CA ALA A 12 5.39 -14.72 -35.61
C ALA A 12 4.34 -14.56 -34.56
N ILE A 14 2.56 -11.93 -33.90
CA ILE A 14 1.39 -11.10 -34.22
C ILE A 14 0.36 -11.97 -34.84
N GLU A 15 0.76 -13.13 -35.35
CA GLU A 15 -0.25 -13.97 -35.99
C GLU A 15 -1.15 -14.78 -35.06
N GLU A 16 -0.62 -15.27 -33.92
CA GLU A 16 -1.48 -16.07 -33.01
C GLU A 16 -2.56 -15.28 -32.26
N GLN A 17 -2.16 -14.39 -31.36
CA GLN A 17 -3.10 -13.47 -30.73
C GLN A 17 -3.18 -12.18 -31.55
N ASN A 18 -4.16 -11.36 -31.24
CA ASN A 18 -4.34 -10.06 -31.87
C ASN A 18 -3.94 -8.97 -30.87
N PHE A 19 -3.23 -7.93 -31.30
CA PHE A 19 -2.64 -7.05 -30.32
C PHE A 19 -2.93 -5.61 -30.61
N ASP A 20 -2.80 -4.82 -29.56
CA ASP A 20 -3.00 -3.42 -29.67
C ASP A 20 -1.72 -2.71 -29.42
N ILE A 21 -1.56 -1.62 -30.14
CA ILE A 21 -0.63 -0.62 -29.75
C ILE A 21 -1.55 0.49 -29.25
N ARG A 22 -1.42 0.78 -27.96
CA ARG A 22 -2.24 1.82 -27.31
C ARG A 22 -1.76 3.21 -27.55
N THR A 23 -0.47 3.43 -27.40
CA THR A 23 0.07 4.72 -27.80
C THR A 23 1.41 4.58 -28.39
N ILE A 24 1.75 5.50 -29.28
CA ILE A 24 3.14 5.81 -29.58
C ILE A 24 3.37 7.24 -29.27
N THR A 25 4.38 7.62 -28.51
CA THR A 25 4.51 8.99 -28.08
C THR A 25 5.87 9.59 -28.36
N GLY A 27 8.57 12.16 -27.39
CA GLY A 27 9.08 13.09 -26.38
C GLY A 27 9.89 14.16 -27.10
N ILE A 28 9.67 15.40 -26.71
CA ILE A 28 10.36 16.56 -27.31
C ILE A 28 10.86 17.59 -26.29
N SER A 29 12.16 17.80 -26.26
CA SER A 29 12.68 18.82 -25.39
C SER A 29 12.29 20.16 -25.94
N LEU A 30 11.93 21.09 -25.05
CA LEU A 30 11.63 22.50 -25.47
C LEU A 30 12.61 23.49 -24.82
N LEU A 31 13.69 23.05 -24.18
CA LEU A 31 14.66 24.01 -23.68
C LEU A 31 15.24 24.94 -24.77
N ASP A 32 15.63 24.42 -25.95
CA ASP A 32 16.11 25.40 -26.98
C ASP A 32 15.02 26.45 -27.41
N CYS A 33 13.79 26.21 -27.01
CA CYS A 33 12.75 27.21 -27.31
C CYS A 33 12.66 28.32 -26.33
N ILE A 34 13.49 28.32 -25.28
CA ILE A 34 13.36 29.33 -24.22
C ILE A 34 13.76 30.70 -24.70
N ASP A 35 13.15 31.72 -24.09
CA ASP A 35 13.18 33.10 -24.58
C ASP A 35 12.40 34.01 -23.67
N PRO A 36 13.02 35.10 -23.20
CA PRO A 36 12.39 36.02 -22.26
C PRO A 36 11.13 36.54 -22.80
N ASP A 37 10.98 36.64 -24.10
CA ASP A 37 9.70 37.04 -24.64
C ASP A 37 8.89 35.80 -24.86
N ILE A 38 7.85 35.67 -24.03
CA ILE A 38 7.02 34.49 -23.98
C ILE A 38 6.38 34.25 -25.34
N ASN A 39 5.89 35.32 -25.99
CA ASN A 39 5.48 35.22 -27.46
C ASN A 39 6.48 34.62 -28.44
N ARG A 40 7.75 34.83 -28.16
CA ARG A 40 8.72 34.22 -28.99
C ARG A 40 8.97 32.78 -28.64
N ALA A 41 8.91 32.48 -27.35
CA ALA A 41 9.01 31.09 -26.90
C ALA A 41 7.87 30.32 -27.57
N ALA A 42 6.70 30.93 -27.54
CA ALA A 42 5.52 30.31 -28.08
C ALA A 42 5.66 29.86 -29.55
N GLU A 43 6.29 30.70 -30.36
CA GLU A 43 6.43 30.46 -31.79
C GLU A 43 7.60 29.45 -32.01
N LYS A 44 8.70 29.71 -31.33
CA LYS A 44 9.77 28.66 -31.25
C LYS A 44 9.26 27.21 -30.91
N ILE A 45 8.48 27.08 -29.84
CA ILE A 45 7.75 25.84 -29.55
C ILE A 45 6.87 25.30 -30.67
N TYR A 46 6.05 26.15 -31.27
CA TYR A 46 5.12 25.71 -32.32
C TYR A 46 5.96 25.18 -33.48
N GLN A 47 6.97 25.97 -33.89
CA GLN A 47 8.01 25.56 -34.83
C GLN A 47 8.61 24.18 -34.49
N LYS A 48 9.17 24.02 -33.27
CA LYS A 48 9.95 22.81 -32.99
C LYS A 48 9.09 21.50 -33.03
N ILE A 49 7.92 21.54 -32.39
CA ILE A 49 7.09 20.40 -32.38
C ILE A 49 6.56 20.03 -33.81
N THR A 50 6.18 21.07 -34.58
CA THR A 50 5.62 20.82 -35.91
C THR A 50 6.67 20.23 -36.84
N THR A 51 7.91 20.72 -36.79
CA THR A 51 8.98 20.04 -37.52
C THR A 51 9.29 18.59 -37.01
N LYS A 52 9.60 18.47 -35.73
CA LYS A 52 10.19 17.26 -35.29
C LYS A 52 9.12 16.19 -35.25
N ALA A 53 7.85 16.59 -35.24
CA ALA A 53 6.86 15.52 -35.19
C ALA A 53 6.11 15.50 -36.47
N ALA A 54 6.65 16.14 -37.49
CA ALA A 54 5.94 16.28 -38.75
C ALA A 54 5.55 14.98 -39.39
N ASN A 55 6.04 13.82 -38.95
CA ASN A 55 5.68 12.56 -39.65
C ASN A 55 5.10 11.49 -38.78
N LEU A 56 4.86 11.91 -37.54
CA LEU A 56 4.69 10.99 -36.46
C LEU A 56 3.46 10.18 -36.76
N VAL A 57 2.42 10.83 -37.20
CA VAL A 57 1.18 10.19 -37.30
C VAL A 57 1.23 9.33 -38.53
N ALA A 58 1.86 9.83 -39.57
CA ALA A 58 1.96 9.07 -40.83
C ALA A 58 2.72 7.76 -40.56
N VAL A 59 3.87 7.86 -39.89
CA VAL A 59 4.66 6.68 -39.57
C VAL A 59 3.86 5.75 -38.68
N GLY A 60 2.96 6.29 -37.86
CA GLY A 60 2.18 5.42 -36.99
C GLY A 60 1.24 4.58 -37.83
N ASP A 61 0.65 5.25 -38.80
CA ASP A 61 -0.21 4.57 -39.68
C ASP A 61 0.51 3.51 -40.49
N GLU A 62 1.66 3.82 -41.11
CA GLU A 62 2.29 2.83 -41.99
C GLU A 62 2.68 1.58 -41.22
N ILE A 63 3.32 1.77 -40.07
CA ILE A 63 3.68 0.66 -39.24
C ILE A 63 2.45 -0.16 -38.86
N ALA A 64 1.37 0.50 -38.47
CA ALA A 64 0.12 -0.23 -38.18
C ALA A 64 -0.34 -1.03 -39.39
N ALA A 65 -0.38 -0.36 -40.54
CA ALA A 65 -0.64 -1.03 -41.85
C ALA A 65 0.22 -2.25 -42.03
N GLU A 66 1.55 -2.06 -42.17
CA GLU A 66 2.57 -3.15 -42.28
C GLU A 66 2.44 -4.34 -41.30
N LEU A 67 2.11 -4.12 -40.03
CA LEU A 67 2.16 -5.23 -39.06
C LEU A 67 0.77 -5.76 -38.94
N GLY A 68 -0.13 -5.04 -39.60
CA GLY A 68 -1.54 -5.29 -39.47
C GLY A 68 -1.92 -5.43 -38.02
N ILE A 69 -1.79 -4.37 -37.26
CA ILE A 69 -2.32 -4.36 -35.92
C ILE A 69 -2.67 -2.95 -35.74
N PRO A 70 -3.73 -2.72 -35.00
CA PRO A 70 -4.25 -1.38 -34.95
C PRO A 70 -3.44 -0.48 -34.07
N ILE A 71 -3.26 0.79 -34.45
CA ILE A 71 -2.60 1.74 -33.53
C ILE A 71 -3.54 2.79 -33.04
N VAL A 72 -4.01 2.65 -31.78
CA VAL A 72 -5.03 3.54 -31.24
C VAL A 72 -4.44 4.95 -31.40
N ASN A 73 -3.41 5.26 -30.64
CA ASN A 73 -3.03 6.66 -30.43
C ASN A 73 -1.70 7.11 -30.79
N LYS A 74 -1.63 8.39 -31.08
CA LYS A 74 -0.41 9.00 -31.34
C LYS A 74 -0.41 10.31 -30.52
N ARG A 75 0.59 10.48 -29.67
CA ARG A 75 0.59 11.69 -28.84
C ARG A 75 1.96 12.31 -28.80
N VAL A 76 2.09 13.41 -28.06
CA VAL A 76 3.36 14.04 -27.95
C VAL A 76 3.53 14.47 -26.50
N SER A 77 4.80 14.57 -26.07
CA SER A 77 4.98 15.01 -24.74
C SER A 77 6.20 15.91 -24.65
N VAL A 78 6.14 16.95 -23.81
CA VAL A 78 7.14 18.03 -23.90
C VAL A 78 7.71 18.35 -22.59
N THR A 79 8.85 19.03 -22.59
CA THR A 79 9.32 19.69 -21.37
C THR A 79 8.24 20.26 -20.50
N PRO A 80 8.28 19.99 -19.20
CA PRO A 80 7.25 20.68 -18.42
C PRO A 80 7.32 22.21 -18.70
N ILE A 81 6.18 22.84 -19.10
CA ILE A 81 6.12 24.22 -19.38
C ILE A 81 6.43 25.11 -18.21
N SER A 82 6.22 24.69 -16.98
CA SER A 82 6.70 25.54 -15.90
C SER A 82 8.13 25.99 -16.16
N LEU A 83 9.04 25.08 -16.48
CA LEU A 83 10.43 25.48 -16.90
C LEU A 83 10.44 26.57 -17.93
N ILE A 84 9.67 26.45 -19.02
CA ILE A 84 9.75 27.46 -20.09
C ILE A 84 9.13 28.78 -19.58
N GLY A 85 7.96 28.67 -18.97
CA GLY A 85 7.30 29.84 -18.42
C GLY A 85 8.31 30.63 -17.61
N ALA A 86 9.23 29.92 -17.00
CA ALA A 86 9.95 30.49 -15.88
C ALA A 86 10.98 31.49 -16.33
N ALA A 87 11.43 31.35 -17.57
CA ALA A 87 12.46 32.23 -18.04
C ALA A 87 11.81 33.50 -18.51
N THR A 88 10.65 33.85 -18.00
CA THR A 88 9.85 34.88 -18.55
C THR A 88 9.28 35.71 -17.44
N ASP A 89 8.76 36.85 -17.85
CA ASP A 89 8.03 37.79 -16.96
C ASP A 89 6.59 37.56 -16.80
N ALA A 90 5.95 36.87 -17.75
CA ALA A 90 4.57 36.54 -17.62
C ALA A 90 4.04 36.14 -16.25
N THR A 91 2.78 36.39 -16.15
CA THR A 91 2.00 36.37 -15.02
C THR A 91 1.15 35.11 -15.08
N ASP A 92 0.99 34.57 -16.30
CA ASP A 92 0.31 33.34 -16.65
C ASP A 92 0.92 32.83 -17.92
N TYR A 93 0.94 31.50 -18.11
CA TYR A 93 1.58 30.93 -19.27
C TYR A 93 0.61 30.28 -20.26
N VAL A 94 -0.63 30.77 -20.26
CA VAL A 94 -1.62 30.16 -21.14
C VAL A 94 -1.26 30.25 -22.60
N VAL A 95 -0.47 31.25 -23.00
CA VAL A 95 -0.05 31.40 -24.40
C VAL A 95 0.85 30.24 -24.88
N LEU A 96 1.68 29.71 -23.98
CA LEU A 96 2.37 28.38 -24.16
C LEU A 96 1.40 27.24 -24.37
N ALA A 97 0.28 27.25 -23.68
CA ALA A 97 -0.59 26.08 -23.90
C ALA A 97 -1.20 26.13 -25.34
N LYS A 98 -1.57 27.35 -25.76
CA LYS A 98 -2.18 27.52 -27.08
C LYS A 98 -1.09 27.24 -28.19
N ALA A 99 0.18 27.56 -27.92
CA ALA A 99 1.23 27.10 -28.82
C ALA A 99 1.13 25.59 -29.01
N LEU A 100 1.10 24.83 -27.90
CA LEU A 100 1.00 23.38 -27.95
C LEU A 100 -0.22 22.83 -28.68
N ASP A 101 -1.36 23.48 -28.43
CA ASP A 101 -2.59 23.06 -29.01
C ASP A 101 -2.53 23.39 -30.54
N LYS A 102 -1.95 24.53 -30.97
CA LYS A 102 -1.76 24.73 -32.44
C LYS A 102 -0.84 23.71 -33.07
N ALA A 103 0.33 23.48 -32.45
CA ALA A 103 1.21 22.41 -32.90
C ALA A 103 0.48 21.09 -32.89
N ALA A 104 -0.17 20.73 -31.78
CA ALA A 104 -0.80 19.42 -31.75
C ALA A 104 -1.80 19.16 -32.90
N LYS A 105 -2.72 20.15 -33.18
CA LYS A 105 -3.68 20.24 -34.33
C LYS A 105 -3.03 20.13 -35.73
N GLU A 106 -1.95 20.87 -35.99
CA GLU A 106 -1.20 20.82 -37.23
C GLU A 106 -0.56 19.45 -37.52
N ILE A 107 0.06 18.76 -36.56
CA ILE A 107 0.66 17.49 -36.83
C ILE A 107 -0.38 16.37 -36.70
N GLY A 108 -1.56 16.72 -36.23
CA GLY A 108 -2.67 15.78 -36.12
C GLY A 108 -2.50 14.71 -35.07
N VAL A 109 -1.96 15.02 -33.88
CA VAL A 109 -2.10 14.08 -32.78
C VAL A 109 -3.31 14.31 -31.88
N ASP A 110 -3.58 13.34 -31.03
CA ASP A 110 -4.75 13.30 -30.15
C ASP A 110 -4.39 14.24 -29.02
N PHE A 111 -3.30 14.02 -28.30
CA PHE A 111 -2.96 14.88 -27.17
C PHE A 111 -1.55 15.31 -27.13
N ILE A 112 -1.29 16.35 -26.37
CA ILE A 112 0.07 16.71 -26.09
C ILE A 112 0.11 17.14 -24.63
N GLY A 113 1.02 16.47 -23.89
CA GLY A 113 1.07 16.69 -22.47
C GLY A 113 2.37 17.30 -22.21
N GLY A 114 2.41 18.13 -21.18
CA GLY A 114 3.64 18.64 -20.66
C GLY A 114 3.42 19.96 -20.00
N PHE A 115 2.15 20.36 -19.88
CA PHE A 115 1.86 21.66 -19.32
C PHE A 115 1.84 21.37 -17.81
N SER A 116 3.05 21.34 -17.24
CA SER A 116 3.26 20.64 -15.97
C SER A 116 4.15 21.35 -14.94
N ALA A 117 4.13 20.91 -13.71
CA ALA A 117 5.09 21.45 -12.80
C ALA A 117 5.49 20.28 -11.91
N LEU A 118 6.77 20.19 -11.55
CA LEU A 118 7.27 19.25 -10.58
C LEU A 118 7.42 20.05 -9.34
N VAL A 119 6.50 19.91 -8.38
CA VAL A 119 6.58 20.76 -7.19
C VAL A 119 6.73 19.99 -5.89
N GLN A 120 7.16 18.69 -5.92
CA GLN A 120 7.48 17.90 -4.64
C GLN A 120 8.32 18.63 -3.62
N LYS A 121 9.42 19.27 -3.96
CA LYS A 121 10.16 19.96 -2.94
C LYS A 121 9.60 21.30 -2.64
N GLY A 122 8.68 21.87 -3.45
CA GLY A 122 8.12 23.19 -3.10
C GLY A 122 8.29 24.15 -4.24
N TYR A 123 7.57 25.24 -4.22
CA TYR A 123 7.38 26.04 -5.42
C TYR A 123 8.68 26.73 -5.82
N GLN A 124 9.08 26.58 -7.06
CA GLN A 124 10.25 27.28 -7.49
C GLN A 124 9.79 28.31 -8.49
N LYS A 125 10.68 29.13 -9.01
CA LYS A 125 10.21 30.18 -9.90
C LYS A 125 9.45 29.45 -11.05
N GLY A 126 8.32 30.00 -11.47
CA GLY A 126 7.57 29.29 -12.49
C GLY A 126 6.34 28.46 -12.08
N ASP A 127 6.45 27.70 -11.00
CA ASP A 127 5.47 26.74 -10.65
C ASP A 127 4.11 27.25 -10.33
N GLU A 128 3.93 28.19 -9.40
CA GLU A 128 2.59 28.69 -9.15
C GLU A 128 1.96 29.35 -10.39
N ILE A 129 2.78 30.11 -11.16
CA ILE A 129 2.19 30.86 -12.24
C ILE A 129 1.61 29.83 -13.21
N LEU A 130 2.35 28.71 -13.32
CA LEU A 130 1.93 27.63 -14.14
C LEU A 130 0.65 26.98 -13.62
N ILE A 131 0.76 26.51 -12.40
CA ILE A 131 -0.40 25.88 -11.73
C ILE A 131 -1.64 26.78 -11.86
N ASN A 132 -1.46 28.09 -11.74
CA ASN A 132 -2.61 28.98 -11.78
C ASN A 132 -3.11 29.25 -13.14
N SER A 133 -2.29 29.02 -14.16
CA SER A 133 -2.74 28.96 -15.53
C SER A 133 -3.63 27.77 -15.91
N ILE A 134 -3.66 26.69 -15.11
CA ILE A 134 -4.27 25.44 -15.57
C ILE A 134 -5.77 25.59 -15.86
N PRO A 135 -6.52 26.16 -14.94
CA PRO A 135 -8.00 26.23 -15.23
C PRO A 135 -8.29 26.82 -16.58
N ARG A 136 -7.62 27.93 -16.87
CA ARG A 136 -7.76 28.72 -18.12
C ARG A 136 -7.12 27.98 -19.30
N ALA A 137 -5.87 27.50 -19.14
CA ALA A 137 -5.15 26.77 -20.16
C ALA A 137 -6.10 25.67 -20.66
N LEU A 138 -6.59 24.87 -19.70
CA LEU A 138 -7.41 23.72 -20.05
C LEU A 138 -8.83 24.11 -20.54
N ALA A 139 -9.40 25.26 -20.12
CA ALA A 139 -10.69 25.74 -20.81
C ALA A 139 -10.58 26.14 -22.30
N GLU A 140 -9.47 26.76 -22.67
CA GLU A 140 -9.29 27.33 -23.98
C GLU A 140 -8.33 26.56 -24.88
N THR A 141 -8.00 25.28 -24.56
CA THR A 141 -7.31 24.41 -25.54
C THR A 141 -8.13 23.12 -25.75
N ASP A 142 -8.02 22.36 -26.85
CA ASP A 142 -8.76 21.10 -26.89
C ASP A 142 -7.87 19.89 -26.66
N LYS A 143 -6.60 19.99 -26.95
CA LYS A 143 -5.77 18.80 -27.01
C LYS A 143 -4.50 18.86 -26.10
N VAL A 144 -4.52 19.73 -25.09
CA VAL A 144 -3.41 19.79 -24.21
C VAL A 144 -3.74 19.04 -22.90
N CYS A 145 -2.75 18.28 -22.38
CA CYS A 145 -2.86 17.75 -21.03
C CYS A 145 -2.00 18.44 -20.09
N SER A 146 -2.55 18.62 -18.92
CA SER A 146 -1.76 19.20 -17.86
C SER A 146 -1.45 18.20 -16.70
N SER A 147 -0.30 18.25 -16.06
CA SER A 147 -0.13 17.42 -14.81
C SER A 147 0.81 18.02 -13.80
N VAL A 148 0.53 17.88 -12.53
CA VAL A 148 1.40 18.48 -11.44
C VAL A 148 1.88 17.43 -10.47
N ASN A 149 3.20 17.27 -10.31
CA ASN A 149 3.73 16.24 -9.43
C ASN A 149 3.97 16.87 -8.01
N ILE A 150 3.35 16.29 -6.95
CA ILE A 150 3.29 17.02 -5.67
C ILE A 150 4.00 16.37 -4.51
N GLY A 151 4.61 15.25 -4.78
CA GLY A 151 5.59 14.69 -3.82
C GLY A 151 6.28 13.57 -4.57
N SER A 152 7.24 12.97 -3.87
CA SER A 152 8.00 11.77 -4.31
C SER A 152 8.55 11.13 -3.05
N THR A 153 8.80 9.85 -3.10
CA THR A 153 9.64 9.23 -2.03
C THR A 153 10.85 10.02 -1.58
N LYS A 154 11.55 10.60 -2.56
CA LYS A 154 12.82 11.27 -2.32
C LYS A 154 12.58 12.59 -1.53
N SER A 155 11.43 13.24 -1.70
CA SER A 155 11.24 14.53 -1.10
C SER A 155 10.00 14.59 -0.25
N GLY A 156 9.17 13.51 -0.21
CA GLY A 156 7.99 13.56 0.63
C GLY A 156 6.97 14.45 -0.08
N ILE A 157 6.04 15.06 0.67
CA ILE A 157 4.79 15.61 0.01
C ILE A 157 4.62 17.07 0.20
N ASN A 158 4.45 17.83 -0.89
CA ASN A 158 4.29 19.27 -0.74
C ASN A 158 2.85 19.60 -0.42
N THR A 160 1.40 22.24 0.99
CA THR A 160 0.92 23.42 0.22
C THR A 160 0.41 23.10 -1.18
N ALA A 161 1.23 22.46 -1.99
CA ALA A 161 0.76 22.25 -3.34
C ALA A 161 -0.55 21.41 -3.32
N VAL A 162 -0.68 20.35 -2.49
CA VAL A 162 -1.88 19.50 -2.51
C VAL A 162 -3.14 20.31 -2.19
N ALA A 163 -3.10 21.14 -1.15
CA ALA A 163 -4.17 22.12 -0.89
C ALA A 163 -4.44 22.98 -2.19
N ASP A 164 -3.42 23.56 -2.83
CA ASP A 164 -3.70 24.44 -3.97
C ASP A 164 -4.44 23.57 -4.98
N GLY A 166 -6.38 21.16 -4.82
CA GLY A 166 -7.81 21.11 -4.50
C GLY A 166 -8.54 22.26 -5.18
N ARG A 167 -8.11 23.49 -4.88
CA ARG A 167 -8.71 24.72 -5.45
C ARG A 167 -8.56 24.60 -7.00
N ILE A 168 -7.38 24.35 -7.52
CA ILE A 168 -7.26 24.24 -8.91
C ILE A 168 -8.21 23.26 -9.55
N ILE A 169 -8.44 22.15 -8.89
CA ILE A 169 -9.27 21.15 -9.60
C ILE A 169 -10.65 21.72 -9.80
N LYS A 170 -11.19 22.39 -8.78
CA LYS A 170 -12.51 22.92 -8.86
C LYS A 170 -12.60 24.06 -9.87
N GLU A 171 -11.61 24.91 -9.78
CA GLU A 171 -11.49 25.99 -10.67
C GLU A 171 -11.54 25.47 -12.11
N THR A 172 -10.93 24.33 -12.40
CA THR A 172 -10.80 23.86 -13.77
C THR A 172 -12.12 23.24 -14.08
N ALA A 173 -12.70 22.59 -13.08
CA ALA A 173 -14.02 22.01 -13.26
C ALA A 173 -15.01 23.14 -13.71
N ASN A 174 -14.91 24.30 -13.00
CA ASN A 174 -15.87 25.27 -13.27
C ASN A 174 -15.66 26.17 -14.33
N LEU A 175 -14.70 25.89 -15.16
CA LEU A 175 -14.42 26.80 -16.17
C LEU A 175 -14.73 26.23 -17.56
N SER A 176 -15.06 24.95 -17.62
CA SER A 176 -15.25 24.29 -18.89
C SER A 176 -15.86 22.94 -18.69
N ASP A 177 -16.42 22.39 -19.76
CA ASP A 177 -17.06 21.10 -19.73
C ASP A 177 -16.03 20.01 -19.40
N GLY A 179 -12.37 20.41 -19.29
CA GLY A 179 -11.09 20.74 -18.68
C GLY A 179 -10.57 19.72 -17.63
N VAL A 180 -11.39 19.37 -16.66
CA VAL A 180 -10.94 18.48 -15.65
C VAL A 180 -10.43 17.14 -16.16
N ALA A 181 -11.02 16.63 -17.24
CA ALA A 181 -10.50 15.35 -17.81
C ALA A 181 -9.05 15.37 -18.30
N LYS A 182 -8.42 16.54 -18.41
CA LYS A 182 -7.05 16.57 -18.95
C LYS A 182 -6.05 17.03 -17.92
N LEU A 183 -6.45 16.96 -16.65
CA LEU A 183 -5.62 17.37 -15.56
C LEU A 183 -5.31 16.19 -14.65
N VAL A 184 -4.04 15.93 -14.41
CA VAL A 184 -3.75 14.81 -13.51
C VAL A 184 -2.89 15.26 -12.41
N VAL A 185 -3.14 14.77 -11.23
CA VAL A 185 -2.23 15.01 -10.17
C VAL A 185 -1.47 13.72 -9.78
N PHE A 186 -0.25 13.91 -9.34
CA PHE A 186 0.69 12.84 -9.20
C PHE A 186 1.61 12.86 -8.05
N ALA A 187 2.19 11.69 -7.80
CA ALA A 187 3.25 11.46 -6.82
C ALA A 187 4.25 10.52 -7.44
N ASN A 188 5.54 10.79 -7.27
CA ASN A 188 6.59 9.98 -7.94
C ASN A 188 6.53 9.98 -9.45
N ALA A 189 6.20 11.12 -10.03
CA ALA A 189 6.21 11.27 -11.48
C ALA A 189 7.61 11.03 -12.02
N VAL A 190 7.71 10.06 -12.91
CA VAL A 190 9.04 9.73 -13.40
C VAL A 190 9.21 10.24 -14.83
N GLU A 191 10.26 11.03 -15.00
CA GLU A 191 10.64 11.76 -16.21
C GLU A 191 10.39 10.94 -17.50
N ASP A 192 10.56 9.62 -17.38
CA ASP A 192 10.08 8.63 -18.37
C ASP A 192 8.53 8.59 -18.77
N ASN A 193 7.60 8.68 -17.80
CA ASN A 193 6.13 8.70 -18.17
C ASN A 193 6.07 9.71 -19.28
N PRO A 194 5.55 9.29 -20.49
CA PRO A 194 4.47 8.36 -20.95
C PRO A 194 3.45 7.65 -20.08
N PHE A 195 2.71 6.85 -20.86
CA PHE A 195 1.35 6.36 -20.59
C PHE A 195 0.34 7.53 -20.59
N ALA A 197 -1.98 10.17 -19.63
CA ALA A 197 -2.72 10.52 -18.48
C ALA A 197 -2.36 12.01 -18.23
N ALA A 199 1.93 12.87 -17.63
CA ALA A 199 2.76 12.57 -18.90
C ALA A 199 3.55 13.70 -19.47
N PHE A 200 4.85 13.74 -19.26
CA PHE A 200 5.68 14.86 -19.76
C PHE A 200 7.12 14.42 -20.19
N HIS A 201 7.84 15.23 -20.95
CA HIS A 201 9.20 14.86 -21.35
C HIS A 201 10.26 15.42 -20.37
N GLY A 202 11.01 14.50 -19.72
CA GLY A 202 11.89 14.94 -18.62
C GLY A 202 13.17 15.60 -19.07
N VAL A 203 13.55 16.67 -18.38
CA VAL A 203 14.70 17.42 -18.82
C VAL A 203 15.95 16.53 -18.77
N GLY A 204 16.85 16.50 -19.73
CA GLY A 204 17.91 15.44 -19.65
C GLY A 204 17.66 14.03 -20.28
N GLU A 205 16.36 13.72 -20.53
CA GLU A 205 15.92 12.78 -21.59
C GLU A 205 16.39 13.33 -22.94
N ALA A 206 16.27 12.56 -24.03
CA ALA A 206 16.80 12.96 -25.33
C ALA A 206 16.06 14.18 -25.91
N ASP A 207 16.67 14.86 -26.89
CA ASP A 207 16.02 15.96 -27.51
C ASP A 207 14.71 15.51 -28.13
N VAL A 208 14.67 14.25 -28.58
CA VAL A 208 13.47 13.66 -29.12
C VAL A 208 13.53 12.16 -28.91
N ILE A 209 12.44 11.53 -28.51
CA ILE A 209 12.43 10.11 -28.27
C ILE A 209 11.09 9.53 -28.64
N ILE A 210 11.13 8.23 -28.90
CA ILE A 210 9.90 7.55 -29.06
C ILE A 210 9.61 6.57 -27.97
N ASN A 211 8.38 6.48 -27.50
CA ASN A 211 8.09 5.39 -26.60
C ASN A 211 6.74 4.84 -26.98
N VAL A 212 6.50 3.56 -26.70
CA VAL A 212 5.21 3.04 -27.09
C VAL A 212 4.63 2.33 -25.93
N GLY A 213 3.28 2.31 -25.93
CA GLY A 213 2.48 1.67 -24.87
C GLY A 213 1.78 0.55 -25.56
N VAL A 214 1.77 -0.66 -25.00
CA VAL A 214 1.07 -1.76 -25.72
C VAL A 214 0.03 -2.32 -24.86
N SER A 215 -0.90 -2.97 -25.56
CA SER A 215 -2.26 -3.43 -25.14
C SER A 215 -2.47 -4.24 -23.86
N GLY A 216 -2.89 -5.47 -24.04
CA GLY A 216 -2.98 -6.38 -22.92
C GLY A 216 -4.25 -7.08 -22.50
N PRO A 217 -5.12 -6.38 -21.73
CA PRO A 217 -6.02 -7.10 -20.86
C PRO A 217 -6.62 -8.29 -21.57
N GLY A 218 -7.10 -8.04 -22.79
CA GLY A 218 -7.73 -9.08 -23.60
C GLY A 218 -6.85 -10.29 -23.86
N VAL A 219 -5.66 -10.06 -24.36
CA VAL A 219 -4.68 -11.10 -24.51
C VAL A 219 -4.41 -11.85 -23.19
N VAL A 220 -4.23 -11.13 -22.10
CA VAL A 220 -4.04 -11.81 -20.88
C VAL A 220 -5.30 -12.58 -20.54
N LYS A 221 -6.47 -11.94 -20.68
CA LYS A 221 -7.69 -12.67 -20.30
C LYS A 221 -7.87 -13.90 -21.18
N ARG A 222 -7.68 -13.75 -22.51
CA ARG A 222 -7.67 -14.96 -23.39
C ARG A 222 -6.66 -15.97 -22.79
N ALA A 223 -5.42 -15.56 -22.47
CA ALA A 223 -4.47 -16.55 -21.89
C ALA A 223 -4.93 -17.27 -20.62
N LEU A 224 -5.54 -16.52 -19.68
CA LEU A 224 -6.08 -17.13 -18.44
C LEU A 224 -7.19 -18.18 -18.61
N GLU A 225 -8.09 -17.93 -19.57
CA GLU A 225 -9.16 -18.89 -19.87
C GLU A 225 -8.66 -20.31 -20.15
N LYS A 226 -7.60 -20.45 -20.91
CA LYS A 226 -6.84 -21.74 -20.93
C LYS A 226 -6.40 -22.34 -19.58
N VAL A 227 -6.43 -21.62 -18.46
CA VAL A 227 -5.92 -22.29 -17.21
C VAL A 227 -6.83 -22.30 -15.99
N ARG A 228 -8.11 -22.00 -16.24
CA ARG A 228 -9.21 -22.27 -15.31
C ARG A 228 -8.94 -23.47 -14.41
N GLY A 229 -9.02 -23.33 -13.08
CA GLY A 229 -8.85 -24.50 -12.23
C GLY A 229 -7.43 -24.80 -11.78
N GLN A 230 -6.44 -24.40 -12.54
CA GLN A 230 -5.04 -24.65 -12.13
C GLN A 230 -4.42 -23.63 -11.14
N SER A 231 -3.32 -24.07 -10.50
CA SER A 231 -2.78 -23.41 -9.36
C SER A 231 -2.19 -22.00 -9.69
N PHE A 232 -2.00 -21.23 -8.63
CA PHE A 232 -1.34 -20.01 -8.79
C PHE A 232 0.07 -20.10 -9.41
N ASP A 233 0.81 -21.20 -9.19
CA ASP A 233 2.10 -21.32 -9.84
C ASP A 233 1.89 -21.07 -11.36
N VAL A 234 0.85 -21.73 -11.91
CA VAL A 234 0.53 -21.67 -13.30
C VAL A 234 -0.10 -20.36 -13.72
N VAL A 235 -0.89 -19.73 -12.86
CA VAL A 235 -1.41 -18.44 -13.27
C VAL A 235 -0.24 -17.54 -13.44
N ALA A 236 0.74 -17.62 -12.54
CA ALA A 236 1.88 -16.69 -12.58
C ALA A 236 2.70 -16.87 -13.90
N GLU A 237 2.95 -18.13 -14.30
CA GLU A 237 3.71 -18.44 -15.52
C GLU A 237 2.91 -17.90 -16.67
N THR A 238 1.66 -18.31 -16.79
CA THR A 238 0.86 -17.78 -17.88
C THR A 238 0.95 -16.26 -17.93
N VAL A 239 0.83 -15.60 -16.79
CA VAL A 239 0.70 -14.18 -16.91
C VAL A 239 2.04 -13.62 -17.37
N LYS A 240 3.13 -14.24 -16.88
CA LYS A 240 4.50 -13.78 -17.26
C LYS A 240 4.83 -13.95 -18.75
N LYS A 241 4.57 -15.14 -19.30
CA LYS A 241 4.77 -15.32 -20.73
C LYS A 241 3.88 -14.52 -21.66
N THR A 242 2.60 -14.35 -21.42
CA THR A 242 1.84 -13.38 -22.24
C THR A 242 2.48 -12.04 -22.12
N ALA A 243 3.03 -11.71 -20.94
CA ALA A 243 3.52 -10.34 -20.78
C ALA A 243 4.83 -10.20 -21.58
N PHE A 244 5.63 -11.24 -21.60
CA PHE A 244 6.75 -11.29 -22.51
C PHE A 244 6.39 -10.89 -23.95
N LYS A 245 5.42 -11.61 -24.51
CA LYS A 245 5.12 -11.36 -25.90
C LYS A 245 4.68 -9.91 -26.04
N ILE A 246 3.63 -9.52 -25.32
CA ILE A 246 3.08 -8.20 -25.55
C ILE A 246 4.22 -7.13 -25.58
N THR A 247 5.19 -7.25 -24.62
CA THR A 247 6.37 -6.40 -24.62
C THR A 247 7.16 -6.45 -25.94
N ARG A 248 7.43 -7.66 -26.44
CA ARG A 248 8.20 -7.76 -27.69
C ARG A 248 7.59 -6.98 -28.82
N ILE A 249 6.27 -7.16 -29.03
CA ILE A 249 5.51 -6.41 -30.05
C ILE A 249 5.84 -4.91 -29.87
N GLY A 250 5.69 -4.44 -28.62
CA GLY A 250 5.97 -3.02 -28.31
C GLY A 250 7.38 -2.70 -28.76
N GLN A 251 8.37 -3.56 -28.40
CA GLN A 251 9.78 -3.22 -28.77
C GLN A 251 9.87 -3.07 -30.26
N LEU A 252 9.37 -4.07 -30.98
CA LEU A 252 9.41 -4.01 -32.36
C LEU A 252 8.65 -2.80 -32.90
N VAL A 253 7.47 -2.47 -32.37
CA VAL A 253 6.77 -1.30 -32.90
C VAL A 253 7.57 -0.02 -32.63
N GLY A 254 8.19 0.04 -31.45
CA GLY A 254 9.11 1.14 -31.16
C GLY A 254 10.38 1.17 -32.03
N GLN A 255 10.86 0.01 -32.47
CA GLN A 255 12.05 0.03 -33.24
C GLN A 255 11.88 0.55 -34.65
N ALA A 257 9.25 2.59 -35.53
CA ALA A 257 8.94 4.00 -35.50
C ALA A 257 10.24 4.80 -35.42
N SER A 258 11.15 4.37 -34.58
CA SER A 258 12.40 5.11 -34.41
C SER A 258 13.27 5.16 -35.67
N GLU A 259 13.43 3.99 -36.27
CA GLU A 259 14.16 3.87 -37.49
C GLU A 259 13.56 4.89 -38.46
N ARG A 260 12.31 4.76 -38.86
CA ARG A 260 11.75 5.64 -39.90
C ARG A 260 11.84 7.13 -39.57
N LEU A 261 11.55 7.48 -38.30
CA LEU A 261 11.57 8.88 -37.82
C LEU A 261 12.97 9.47 -37.67
N GLY A 262 13.99 8.63 -37.40
CA GLY A 262 15.37 9.08 -37.32
C GLY A 262 15.66 9.66 -35.96
N VAL A 263 15.27 8.90 -34.94
CA VAL A 263 15.02 9.43 -33.62
C VAL A 263 15.30 8.24 -32.71
N GLU A 264 15.90 8.43 -31.54
CA GLU A 264 16.06 7.29 -30.67
C GLU A 264 14.75 6.70 -30.17
N PHE A 265 14.87 5.44 -29.77
CA PHE A 265 13.76 4.73 -29.20
C PHE A 265 13.97 4.76 -27.75
N GLY A 266 12.93 4.88 -26.96
CA GLY A 266 13.05 4.95 -25.50
C GLY A 266 12.63 3.64 -24.85
N ILE A 267 11.56 3.66 -24.07
CA ILE A 267 11.09 2.41 -23.45
C ILE A 267 9.71 1.91 -23.88
N VAL A 268 9.26 0.79 -23.34
CA VAL A 268 7.88 0.35 -23.58
C VAL A 268 7.15 0.06 -22.28
N ASP A 269 5.80 0.14 -22.29
CA ASP A 269 4.86 0.06 -21.17
C ASP A 269 4.11 -1.18 -20.47
N LEU A 270 2.76 -1.15 -20.35
CA LEU A 270 1.98 -1.82 -19.23
C LEU A 270 0.43 -1.57 -19.32
N SER A 271 -0.38 -2.54 -18.91
CA SER A 271 -1.71 -2.79 -19.50
C SER A 271 -2.86 -1.99 -18.91
N LEU A 272 -3.96 -1.92 -19.65
CA LEU A 272 -4.89 -0.81 -19.48
C LEU A 272 -6.05 -0.95 -20.42
N ALA A 273 -7.18 -0.37 -20.03
CA ALA A 273 -8.45 -0.62 -20.67
C ALA A 273 -8.33 -0.42 -22.20
N PRO A 274 -8.84 -1.39 -23.02
CA PRO A 274 -8.87 -1.19 -24.49
C PRO A 274 -10.21 -0.76 -25.06
N THR A 275 -10.68 -1.64 -25.97
CA THR A 275 -11.99 -1.72 -26.60
C THR A 275 -13.13 -2.07 -25.63
N ASP A 280 -11.39 -5.37 -23.79
CA ASP A 280 -11.79 -6.05 -22.56
C ASP A 280 -11.25 -5.24 -21.32
N SER A 281 -11.68 -5.58 -20.10
CA SER A 281 -11.35 -4.79 -18.91
C SER A 281 -10.27 -5.56 -18.19
N VAL A 282 -9.40 -4.82 -17.51
CA VAL A 282 -8.69 -5.33 -16.32
C VAL A 282 -9.67 -6.05 -15.34
N ALA A 283 -10.84 -5.44 -15.16
CA ALA A 283 -11.87 -6.01 -14.29
C ALA A 283 -12.21 -7.42 -14.62
N ARG A 284 -12.35 -7.74 -15.90
CA ARG A 284 -12.66 -9.09 -16.27
C ARG A 284 -11.46 -10.04 -16.09
N VAL A 285 -10.26 -9.53 -16.38
CA VAL A 285 -9.11 -10.34 -16.05
C VAL A 285 -9.17 -10.83 -14.59
N LEU A 286 -9.41 -9.89 -13.68
CA LEU A 286 -9.38 -10.23 -12.27
C LEU A 286 -10.45 -11.25 -12.03
N GLU A 287 -11.61 -11.07 -12.65
CA GLU A 287 -12.69 -12.02 -12.41
C GLU A 287 -12.29 -13.37 -12.92
N GLU A 288 -11.55 -13.40 -14.01
CA GLU A 288 -11.19 -14.68 -14.61
C GLU A 288 -10.22 -15.52 -13.73
N GLY A 290 -10.68 -15.67 -10.83
CA GLY A 290 -11.74 -16.41 -10.18
C GLY A 290 -12.42 -15.69 -9.04
N LEU A 291 -12.63 -14.38 -9.23
CA LEU A 291 -13.49 -13.63 -8.36
C LEU A 291 -14.82 -13.36 -9.07
N GLU A 292 -15.93 -13.50 -8.36
CA GLU A 292 -17.20 -13.12 -8.91
C GLU A 292 -17.35 -11.64 -9.37
N THR A 293 -16.88 -10.63 -8.61
CA THR A 293 -16.98 -9.24 -9.11
C THR A 293 -15.76 -8.47 -8.65
N VAL A 294 -15.11 -7.66 -9.53
CA VAL A 294 -13.89 -6.93 -9.17
C VAL A 294 -14.27 -6.12 -7.92
N GLY A 295 -13.36 -5.72 -7.04
CA GLY A 295 -13.75 -5.19 -5.74
C GLY A 295 -13.99 -6.20 -4.60
N THR A 296 -14.42 -7.40 -4.90
CA THR A 296 -14.59 -8.37 -3.78
C THR A 296 -13.19 -8.84 -3.24
N HIS A 297 -13.19 -9.43 -2.04
CA HIS A 297 -12.04 -9.99 -1.36
C HIS A 297 -11.30 -10.88 -2.27
N GLY A 298 -10.03 -10.59 -2.36
CA GLY A 298 -9.17 -11.31 -3.29
C GLY A 298 -8.65 -10.33 -4.30
N THR A 299 -9.39 -9.23 -4.53
CA THR A 299 -9.03 -8.40 -5.64
C THR A 299 -7.64 -7.87 -5.45
N THR A 300 -7.23 -7.49 -4.23
CA THR A 300 -5.96 -6.85 -4.20
C THR A 300 -4.87 -7.88 -4.33
N ALA A 301 -5.04 -9.08 -3.84
CA ALA A 301 -4.07 -10.09 -4.22
C ALA A 301 -4.03 -10.29 -5.76
N ALA A 302 -5.16 -10.21 -6.45
CA ALA A 302 -5.17 -10.64 -7.85
C ALA A 302 -4.43 -9.61 -8.65
N LEU A 303 -4.76 -8.35 -8.41
CA LEU A 303 -4.00 -7.24 -9.02
C LEU A 303 -2.52 -7.32 -8.66
N ALA A 304 -2.17 -7.93 -7.51
CA ALA A 304 -0.76 -8.07 -7.12
C ALA A 304 -0.10 -9.03 -8.01
N LEU A 305 -0.73 -10.16 -8.25
CA LEU A 305 -0.14 -11.15 -9.07
C LEU A 305 0.00 -10.63 -10.49
N LEU A 306 -1.00 -9.87 -10.91
CA LEU A 306 -1.13 -9.57 -12.31
C LEU A 306 0.02 -8.61 -12.59
N ASN A 307 0.00 -7.53 -11.80
CA ASN A 307 1.00 -6.57 -11.86
C ASN A 307 2.43 -7.10 -11.77
N ASP A 308 2.71 -8.01 -10.87
CA ASP A 308 4.09 -8.41 -10.68
C ASP A 308 4.58 -9.23 -11.85
N GLN A 309 3.76 -10.18 -12.29
CA GLN A 309 4.13 -11.07 -13.32
C GLN A 309 4.28 -10.32 -14.61
N VAL A 310 3.45 -9.30 -14.83
CA VAL A 310 3.59 -8.46 -15.99
C VAL A 310 4.97 -7.81 -16.02
N LYS A 311 5.22 -6.99 -15.02
CA LYS A 311 6.51 -6.41 -14.78
C LYS A 311 7.66 -7.45 -14.98
N LYS A 312 7.46 -8.71 -14.62
CA LYS A 312 8.64 -9.52 -14.82
C LYS A 312 8.74 -10.18 -16.15
N GLY A 313 7.64 -10.23 -16.86
CA GLY A 313 7.69 -10.59 -18.26
C GLY A 313 8.28 -9.43 -19.03
N GLY A 314 8.08 -8.22 -18.55
CA GLY A 314 8.67 -7.10 -19.23
C GLY A 314 10.17 -7.21 -19.12
N VAL A 315 10.71 -7.53 -17.94
CA VAL A 315 12.14 -7.44 -17.86
C VAL A 315 12.76 -8.62 -18.54
N ALA A 317 12.80 -9.19 -21.40
CA ALA A 317 12.75 -8.73 -22.80
C ALA A 317 13.36 -7.33 -22.83
N CYS A 318 13.30 -6.64 -21.71
CA CYS A 318 13.87 -5.33 -21.48
C CYS A 318 13.07 -4.08 -21.88
N ASN A 319 12.74 -3.31 -20.81
CA ASN A 319 12.18 -1.90 -20.73
C ASN A 319 10.96 -1.77 -19.73
N ASP A 334 -12.08 -0.31 -17.69
CA ASP A 334 -13.26 0.56 -17.91
C ASP A 334 -14.63 -0.18 -17.75
N GLU A 335 -15.10 -0.96 -18.73
CA GLU A 335 -16.36 -1.79 -18.60
C GLU A 335 -16.63 -2.43 -17.21
N GLY A 336 -15.75 -3.36 -16.79
CA GLY A 336 -16.03 -4.26 -15.66
C GLY A 336 -16.16 -3.40 -14.45
N ILE A 338 -16.84 0.24 -14.21
CA ILE A 338 -18.05 1.03 -14.07
C ILE A 338 -19.10 0.08 -13.52
N ALA A 339 -19.21 -1.09 -14.11
CA ALA A 339 -20.27 -2.00 -13.74
C ALA A 339 -20.28 -2.36 -12.23
N ALA A 340 -19.10 -2.43 -11.59
CA ALA A 340 -18.98 -2.78 -10.17
C ALA A 340 -19.09 -1.52 -9.32
N VAL A 341 -18.83 -0.39 -9.95
CA VAL A 341 -19.18 0.81 -9.26
C VAL A 341 -20.69 0.75 -9.01
N GLN A 342 -21.47 0.19 -9.93
CA GLN A 342 -22.95 0.26 -9.78
C GLN A 342 -23.55 -0.78 -8.88
N ASN A 343 -23.30 -2.05 -9.16
CA ASN A 343 -23.77 -3.08 -8.24
C ASN A 343 -23.22 -2.83 -6.82
N GLY A 344 -22.53 -1.70 -6.62
CA GLY A 344 -21.88 -1.38 -5.36
C GLY A 344 -20.80 -2.41 -5.02
N SER A 345 -20.08 -2.93 -5.98
CA SER A 345 -19.15 -3.97 -5.59
C SER A 345 -17.72 -3.42 -5.51
N LEU A 346 -17.57 -2.22 -6.09
CA LEU A 346 -16.42 -1.34 -6.07
C LEU A 346 -16.66 0.05 -5.41
N ASN A 347 -15.58 0.60 -4.89
CA ASN A 347 -15.51 1.50 -3.75
C ASN A 347 -14.34 2.46 -3.92
N LEU A 348 -14.64 3.74 -3.80
CA LEU A 348 -13.60 4.70 -3.69
C LEU A 348 -12.40 4.19 -2.77
N GLU A 349 -12.70 3.59 -1.66
CA GLU A 349 -11.61 3.10 -0.81
C GLU A 349 -10.92 1.80 -1.31
N LYS A 350 -11.68 0.95 -2.01
CA LYS A 350 -11.16 -0.27 -2.60
C LYS A 350 -10.27 0.19 -3.69
N LEU A 351 -10.68 1.10 -4.56
CA LEU A 351 -9.73 1.53 -5.57
C LEU A 351 -8.47 2.03 -4.86
N GLU A 352 -8.67 2.72 -3.75
CA GLU A 352 -7.63 3.36 -3.03
C GLU A 352 -6.71 2.29 -2.52
N ALA A 353 -7.24 1.17 -2.07
CA ALA A 353 -6.41 0.08 -1.57
C ALA A 353 -5.57 -0.58 -2.66
N THR A 355 -4.31 0.72 -5.07
CA THR A 355 -3.24 1.45 -5.59
C THR A 355 -2.02 1.18 -4.76
N ALA A 356 -2.12 0.33 -3.76
CA ALA A 356 -0.95 -0.01 -2.92
C ALA A 356 -0.09 -0.97 -3.67
N ILE A 357 -0.67 -1.65 -4.62
CA ILE A 357 0.01 -2.78 -5.18
C ILE A 357 0.19 -2.68 -6.66
N CYS A 358 -0.08 -1.51 -7.21
CA CYS A 358 -0.16 -1.36 -8.66
C CYS A 358 -0.33 0.06 -8.95
N SER A 359 -1.35 0.37 -9.75
CA SER A 359 -1.61 1.74 -10.28
C SER A 359 -3.13 2.09 -10.34
N ASP A 363 -6.55 6.42 -12.64
CA ASP A 363 -7.96 6.20 -12.43
C ASP A 363 -8.79 7.41 -13.03
N ILE A 365 -11.96 9.00 -11.86
CA ILE A 365 -13.04 8.98 -10.90
C ILE A 365 -13.84 10.26 -10.77
N ALA A 366 -15.10 10.15 -11.11
CA ALA A 366 -15.92 11.31 -10.95
C ALA A 366 -16.56 11.40 -9.54
N ILE A 367 -16.62 12.61 -9.01
CA ILE A 367 -17.22 12.82 -7.72
C ILE A 367 -18.27 13.95 -7.74
N PRO A 368 -19.08 14.07 -6.68
CA PRO A 368 -20.08 15.11 -6.84
C PRO A 368 -19.39 16.44 -6.92
N GLU A 369 -20.05 17.39 -7.55
CA GLU A 369 -19.44 18.64 -7.89
C GLU A 369 -19.37 19.71 -6.80
N ASP A 370 -20.00 19.45 -5.67
CA ASP A 370 -20.26 20.49 -4.65
C ASP A 370 -19.22 20.24 -3.53
N THR A 371 -18.50 19.11 -3.70
CA THR A 371 -17.64 18.67 -2.66
C THR A 371 -16.49 19.62 -2.52
N PRO A 372 -16.10 19.84 -1.27
CA PRO A 372 -15.18 21.01 -1.10
C PRO A 372 -13.74 20.74 -1.60
N ALA A 373 -12.97 21.80 -1.79
CA ALA A 373 -11.58 21.70 -2.21
C ALA A 373 -10.72 20.90 -1.20
N GLU A 374 -10.93 21.12 0.07
CA GLU A 374 -10.22 20.32 1.03
C GLU A 374 -10.47 18.87 0.89
N THR A 375 -11.70 18.41 0.63
CA THR A 375 -11.87 16.96 0.42
C THR A 375 -11.01 16.40 -0.74
N ILE A 376 -11.09 17.06 -1.90
CA ILE A 376 -10.25 16.71 -3.06
C ILE A 376 -8.75 16.64 -2.78
N ALA A 377 -8.22 17.66 -2.07
CA ALA A 377 -6.83 17.71 -1.60
C ALA A 377 -6.53 16.49 -0.66
N ALA A 378 -7.45 16.19 0.28
CA ALA A 378 -7.23 15.12 1.24
C ALA A 378 -7.23 13.83 0.46
N ILE A 380 -6.21 13.59 -2.76
CA ILE A 380 -4.88 13.57 -3.35
C ILE A 380 -3.96 13.10 -2.20
N ALA A 381 -4.09 13.70 -1.01
CA ALA A 381 -3.05 13.47 -0.04
C ALA A 381 -2.94 11.97 0.30
N ASP A 382 -4.09 11.28 0.26
CA ASP A 382 -4.15 9.86 0.58
C ASP A 382 -3.40 9.03 -0.49
N GLU A 383 -3.69 9.29 -1.76
CA GLU A 383 -3.01 8.58 -2.80
C GLU A 383 -1.53 8.94 -2.84
N ALA A 384 -1.19 10.22 -2.70
CA ALA A 384 0.18 10.64 -2.57
C ALA A 384 0.89 9.81 -1.46
N ALA A 385 0.24 9.60 -0.34
CA ALA A 385 0.92 8.84 0.72
C ALA A 385 1.11 7.40 0.31
N ILE A 386 0.07 6.78 -0.28
CA ILE A 386 0.24 5.37 -0.67
C ILE A 386 1.54 5.33 -1.47
N GLY A 387 1.65 6.11 -2.54
CA GLY A 387 2.83 5.93 -3.42
C GLY A 387 4.10 6.45 -2.82
N VAL A 388 3.97 7.42 -1.97
CA VAL A 388 5.21 7.96 -1.48
C VAL A 388 5.87 6.99 -0.52
N ILE A 389 5.10 6.25 0.27
CA ILE A 389 5.82 5.52 1.26
C ILE A 389 6.23 4.25 0.60
N ASN A 390 5.42 3.78 -0.33
CA ASN A 390 5.73 2.56 -1.16
C ASN A 390 6.60 2.66 -2.47
N LYS A 392 5.83 3.90 -5.31
CA LYS A 392 4.99 3.53 -6.39
C LYS A 392 4.64 4.89 -7.03
N THR A 393 4.29 4.87 -8.30
CA THR A 393 3.80 6.06 -8.93
C THR A 393 2.32 6.12 -8.72
N THR A 394 1.75 7.28 -8.44
CA THR A 394 0.30 7.39 -8.26
C THR A 394 -0.16 8.65 -8.91
N ALA A 395 -1.44 8.63 -9.28
CA ALA A 395 -2.03 9.52 -10.31
C ALA A 395 -3.57 9.58 -10.05
N VAL A 396 -4.04 10.75 -9.65
CA VAL A 396 -5.44 10.98 -9.42
C VAL A 396 -5.86 11.96 -10.50
N ARG A 397 -6.94 11.56 -11.14
CA ARG A 397 -7.73 12.46 -11.96
C ARG A 397 -9.19 12.48 -11.44
N ILE A 398 -9.52 13.47 -10.61
CA ILE A 398 -10.80 13.59 -10.02
C ILE A 398 -11.66 14.49 -10.97
N ILE A 399 -12.83 14.01 -11.34
CA ILE A 399 -13.75 14.82 -12.05
C ILE A 399 -14.93 15.19 -11.24
N PRO A 400 -14.99 16.39 -10.66
CA PRO A 400 -16.13 16.74 -9.82
C PRO A 400 -17.25 17.31 -10.63
N LYS A 401 -18.16 16.50 -11.15
CA LYS A 401 -19.33 17.04 -11.87
C LYS A 401 -20.59 16.31 -11.35
N GLY A 402 -21.74 16.97 -11.39
CA GLY A 402 -22.99 16.29 -11.00
C GLY A 402 -23.16 15.69 -9.60
N LYS A 403 -24.09 14.76 -9.43
CA LYS A 403 -24.59 14.45 -8.11
C LYS A 403 -24.33 13.01 -7.71
N GLU A 404 -24.41 12.73 -6.41
CA GLU A 404 -24.26 11.35 -5.92
C GLU A 404 -24.29 10.19 -6.96
N GLY A 405 -25.25 10.15 -7.88
CA GLY A 405 -25.41 8.94 -8.74
C GLY A 405 -25.32 9.04 -10.25
N ASP A 406 -25.12 10.24 -10.79
CA ASP A 406 -25.22 10.57 -12.22
C ASP A 406 -24.59 9.61 -13.22
N ILE A 408 -21.50 10.88 -15.76
CA ILE A 408 -20.70 11.88 -16.53
C ILE A 408 -19.88 11.48 -17.79
N GLU A 409 -20.54 11.00 -18.84
CA GLU A 409 -19.86 10.47 -20.05
C GLU A 409 -19.09 11.46 -20.93
N PHE A 410 -17.81 11.73 -20.63
CA PHE A 410 -16.98 12.59 -21.53
C PHE A 410 -17.35 12.61 -23.04
N THR A 416 -16.23 7.68 -20.16
CA THR A 416 -16.48 6.89 -18.93
C THR A 416 -17.95 7.02 -18.37
N ALA A 417 -18.06 6.95 -17.02
CA ALA A 417 -19.29 7.34 -16.26
C ALA A 417 -19.06 7.75 -14.75
N PRO A 418 -19.51 6.93 -13.76
CA PRO A 418 -20.47 7.34 -12.75
C PRO A 418 -19.87 8.04 -11.59
N VAL A 419 -20.73 8.81 -10.92
CA VAL A 419 -20.38 9.62 -9.75
C VAL A 419 -20.45 8.77 -8.48
N LYS A 421 -19.80 7.84 -4.05
CA LYS A 421 -19.88 8.36 -2.69
C LYS A 421 -18.57 9.09 -2.26
N VAL A 422 -18.73 10.17 -1.50
CA VAL A 422 -17.64 10.89 -0.93
C VAL A 422 -17.89 11.16 0.57
N ASN A 423 -16.92 10.80 1.38
CA ASN A 423 -17.10 11.02 2.81
C ASN A 423 -17.43 12.49 3.14
N GLY A 424 -18.36 12.75 4.02
CA GLY A 424 -18.74 14.13 4.19
C GLY A 424 -18.21 14.65 5.49
N ALA A 425 -17.39 13.82 6.14
CA ALA A 425 -16.69 14.28 7.32
C ALA A 425 -15.57 15.18 6.77
N SER A 426 -15.52 16.41 7.29
CA SER A 426 -14.65 17.46 6.77
C SER A 426 -13.16 17.07 6.87
N SER A 427 -12.33 17.57 5.97
CA SER A 427 -10.92 17.39 6.05
C SER A 427 -10.30 18.78 6.13
N VAL A 428 -11.12 19.82 6.21
CA VAL A 428 -10.63 21.19 6.22
C VAL A 428 -9.45 21.43 7.15
N ASP A 429 -9.48 20.89 8.36
CA ASP A 429 -8.46 21.46 9.22
C ASP A 429 -7.05 20.98 8.92
N PHE A 430 -6.99 19.69 8.59
CA PHE A 430 -5.83 18.99 8.12
C PHE A 430 -5.29 19.78 6.94
N ILE A 431 -6.16 19.98 5.91
CA ILE A 431 -5.67 20.59 4.66
C ILE A 431 -5.16 21.99 4.90
N SER A 432 -5.68 22.62 5.93
CA SER A 432 -5.28 24.00 6.20
C SER A 432 -3.86 24.19 6.67
N ARG A 433 -3.30 23.21 7.40
CA ARG A 433 -1.92 23.31 7.92
C ARG A 433 -0.86 23.80 6.90
N GLY A 434 -0.91 23.28 5.67
CA GLY A 434 0.15 23.58 4.68
C GLY A 434 1.55 23.04 4.99
N GLY A 435 2.56 23.39 4.14
CA GLY A 435 3.92 22.89 4.36
C GLY A 435 4.27 21.58 3.66
N GLN A 436 5.31 20.96 4.20
CA GLN A 436 5.90 19.79 3.59
C GLN A 436 5.83 18.61 4.55
N ILE A 437 5.36 17.47 4.08
CA ILE A 437 5.52 16.28 4.87
C ILE A 437 6.82 15.76 4.36
N PRO A 438 7.73 15.35 5.28
CA PRO A 438 9.10 14.93 4.94
C PRO A 438 9.25 13.60 4.27
N ALA A 439 10.54 13.21 4.05
CA ALA A 439 11.10 11.80 4.39
C ALA A 439 10.50 11.17 3.32
N PRO A 440 9.93 9.96 3.55
CA PRO A 440 9.87 8.98 4.67
C PRO A 440 11.15 8.15 4.91
N ILE A 441 11.24 7.38 6.00
CA ILE A 441 12.52 6.66 6.34
C ILE A 441 12.81 5.52 5.35
N ALA B 1 17.81 3.90 28.71
CA ALA B 1 18.74 4.64 29.56
C ALA B 1 19.89 3.74 29.74
N ASP B 3 24.05 4.88 29.71
CA ASP B 3 24.91 5.60 30.66
C ASP B 3 24.10 6.65 31.37
N ILE B 4 24.75 7.27 32.34
CA ILE B 4 24.04 8.08 33.33
C ILE B 4 23.39 9.24 32.67
N ARG B 5 24.07 9.86 31.73
CA ARG B 5 23.46 10.90 30.94
C ARG B 5 22.05 10.49 30.43
N GLN B 6 21.94 9.30 29.86
CA GLN B 6 20.70 8.88 29.22
C GLN B 6 19.65 8.46 30.24
N VAL B 7 20.05 7.92 31.40
CA VAL B 7 19.11 7.44 32.36
C VAL B 7 18.44 8.67 32.93
N THR B 8 19.30 9.62 33.19
CA THR B 8 18.96 10.86 33.84
C THR B 8 18.05 11.65 32.96
N GLU B 9 18.31 11.67 31.68
CA GLU B 9 17.41 12.35 30.81
C GLU B 9 16.12 11.62 30.80
N THR B 10 16.18 10.30 30.99
CA THR B 10 14.99 9.58 30.90
C THR B 10 14.22 9.86 32.15
N ILE B 11 14.86 9.92 33.31
CA ILE B 11 13.99 10.15 34.43
C ILE B 11 13.43 11.58 34.35
N ALA B 12 14.11 12.46 33.64
CA ALA B 12 13.58 13.78 33.47
C ALA B 12 12.27 13.71 32.72
N ILE B 14 10.17 11.06 32.37
CA ILE B 14 9.08 10.43 33.15
C ILE B 14 8.38 11.47 34.04
N GLU B 15 9.02 12.60 34.34
CA GLU B 15 8.37 13.67 35.15
C GLU B 15 7.45 14.63 34.35
N GLU B 16 7.81 15.00 33.13
CA GLU B 16 7.08 16.09 32.52
C GLU B 16 5.85 15.57 31.75
N GLN B 17 5.76 14.25 31.59
CA GLN B 17 4.66 13.62 30.80
C GLN B 17 4.26 12.31 31.45
N ASN B 18 3.16 11.70 30.97
CA ASN B 18 2.73 10.35 31.46
C ASN B 18 2.76 9.27 30.45
N PHE B 19 3.75 8.39 30.65
CA PHE B 19 4.01 7.25 29.81
C PHE B 19 3.57 6.03 30.54
N ASP B 20 3.52 4.91 29.81
CA ASP B 20 3.08 3.57 30.30
C ASP B 20 3.69 2.48 29.36
N ILE B 21 3.91 1.33 29.99
CA ILE B 21 4.45 0.19 29.26
C ILE B 21 3.30 -0.62 28.68
N ARG B 22 3.29 -0.90 27.37
CA ARG B 22 2.25 -1.77 26.85
C ARG B 22 2.57 -3.19 27.25
N THR B 23 3.75 -3.66 26.91
CA THR B 23 4.10 -4.96 27.38
C THR B 23 5.54 -5.06 27.81
N ILE B 24 5.88 -6.05 28.62
CA ILE B 24 7.26 -6.53 28.74
C ILE B 24 7.16 -7.96 28.31
N THR B 25 7.86 -8.41 27.28
CA THR B 25 7.74 -9.80 26.90
C THR B 25 9.06 -10.52 27.05
N GLY B 27 11.16 -13.56 25.60
CA GLY B 27 11.16 -14.71 24.72
C GLY B 27 12.09 -15.77 25.27
N ILE B 28 11.61 -17.03 25.30
CA ILE B 28 12.38 -18.20 25.62
C ILE B 28 12.57 -19.17 24.42
N SER B 29 13.81 -19.54 24.12
CA SER B 29 14.05 -20.75 23.24
C SER B 29 13.54 -22.07 23.89
N LEU B 30 12.92 -22.98 23.13
CA LEU B 30 12.58 -24.29 23.60
C LEU B 30 13.30 -25.35 22.78
N LEU B 31 14.07 -25.00 21.75
CA LEU B 31 14.91 -26.05 21.14
C LEU B 31 15.43 -27.06 22.16
N ASP B 32 15.95 -26.59 23.30
CA ASP B 32 16.62 -27.61 24.16
C ASP B 32 15.61 -28.54 24.78
N CYS B 33 14.31 -28.38 24.53
CA CYS B 33 13.26 -29.23 25.07
C CYS B 33 12.83 -30.22 24.06
N ILE B 34 13.54 -30.33 22.96
CA ILE B 34 13.14 -31.32 21.99
C ILE B 34 13.31 -32.72 22.55
N ASP B 35 12.23 -33.46 22.36
CA ASP B 35 12.23 -34.85 22.69
C ASP B 35 11.40 -35.58 21.70
N PRO B 36 11.85 -36.75 21.22
CA PRO B 36 10.88 -37.50 20.32
C PRO B 36 9.66 -38.04 21.08
N ASP B 37 9.74 -38.09 22.42
CA ASP B 37 8.58 -38.46 23.20
C ASP B 37 7.97 -37.20 23.60
N ILE B 38 6.81 -36.94 22.96
CA ILE B 38 6.21 -35.61 23.04
C ILE B 38 5.82 -35.19 24.41
N ASN B 39 5.47 -36.17 25.27
CA ASN B 39 5.23 -35.87 26.72
C ASN B 39 6.45 -35.51 27.46
N ARG B 40 7.56 -36.17 27.17
CA ARG B 40 8.79 -35.72 27.81
C ARG B 40 8.97 -34.25 27.34
N ALA B 41 8.66 -33.98 26.09
CA ALA B 41 8.86 -32.64 25.63
C ALA B 41 7.92 -31.65 26.35
N ALA B 42 6.67 -32.09 26.61
CA ALA B 42 5.74 -31.24 27.34
C ALA B 42 6.26 -30.81 28.72
N GLU B 43 6.86 -31.76 29.41
CA GLU B 43 7.46 -31.50 30.67
C GLU B 43 8.70 -30.60 30.58
N LYS B 44 9.57 -30.85 29.60
CA LYS B 44 10.71 -29.96 29.46
C LYS B 44 10.34 -28.45 29.24
N ILE B 45 9.47 -28.20 28.26
CA ILE B 45 8.81 -26.88 28.03
C ILE B 45 8.31 -26.28 29.34
N TYR B 46 7.57 -27.07 30.12
CA TYR B 46 7.01 -26.55 31.35
C TYR B 46 8.12 -26.07 32.36
N GLN B 47 9.08 -26.95 32.64
CA GLN B 47 10.07 -26.70 33.76
C GLN B 47 10.76 -25.53 33.23
N LYS B 48 10.87 -25.55 31.93
CA LYS B 48 11.74 -24.44 31.53
C LYS B 48 11.15 -23.07 31.68
N ILE B 49 9.88 -22.93 31.23
CA ILE B 49 9.29 -21.65 31.26
C ILE B 49 9.09 -21.23 32.68
N THR B 50 8.85 -22.18 33.59
CA THR B 50 8.49 -21.76 34.92
C THR B 50 9.80 -21.34 35.64
N THR B 51 10.94 -21.87 35.20
CA THR B 51 12.25 -21.48 35.71
C THR B 51 12.64 -20.14 35.17
N LYS B 52 12.79 -20.06 33.88
CA LYS B 52 13.30 -18.81 33.37
C LYS B 52 12.38 -17.66 33.67
N ALA B 53 11.06 -17.81 33.71
CA ALA B 53 10.24 -16.63 33.80
C ALA B 53 9.65 -16.51 35.19
N ALA B 54 10.09 -17.42 36.07
CA ALA B 54 9.69 -17.29 37.49
C ALA B 54 9.63 -15.81 37.98
N ASN B 55 10.57 -14.92 37.61
CA ASN B 55 10.47 -13.63 38.29
C ASN B 55 9.89 -12.46 37.54
N LEU B 56 9.60 -12.75 36.26
CA LEU B 56 9.10 -11.83 35.28
C LEU B 56 8.01 -10.87 35.75
N VAL B 57 6.98 -11.36 36.41
CA VAL B 57 5.91 -10.50 36.84
C VAL B 57 6.26 -9.73 38.10
N ALA B 58 6.94 -10.37 39.03
CA ALA B 58 7.40 -9.61 40.19
C ALA B 58 8.20 -8.46 39.68
N VAL B 59 9.22 -8.71 38.84
CA VAL B 59 10.15 -7.65 38.52
C VAL B 59 9.39 -6.59 37.75
N GLY B 60 8.59 -7.01 36.78
CA GLY B 60 7.74 -6.04 36.09
C GLY B 60 7.01 -5.15 37.09
N ASP B 61 6.59 -5.68 38.22
CA ASP B 61 5.78 -4.88 39.11
C ASP B 61 6.65 -3.92 39.88
N GLU B 62 7.83 -4.38 40.29
CA GLU B 62 8.80 -3.51 40.95
C GLU B 62 9.18 -2.29 40.11
N ILE B 63 9.38 -2.53 38.82
CA ILE B 63 9.86 -1.50 37.91
C ILE B 63 8.78 -0.45 37.79
N ALA B 64 7.54 -0.92 37.68
CA ALA B 64 6.43 -0.06 37.55
C ALA B 64 6.42 0.81 38.82
N ALA B 65 6.55 0.15 39.98
CA ALA B 65 6.55 0.87 41.26
C ALA B 65 7.63 1.97 41.27
N GLU B 66 8.90 1.63 41.01
CA GLU B 66 9.97 2.65 41.00
C GLU B 66 9.79 3.82 40.05
N LEU B 67 9.30 3.59 38.83
CA LEU B 67 9.24 4.68 37.86
C LEU B 67 7.98 5.50 38.04
N GLY B 68 7.00 4.91 38.73
CA GLY B 68 5.67 5.51 38.93
C GLY B 68 4.89 5.53 37.64
N ILE B 69 4.77 4.37 37.02
CA ILE B 69 4.07 4.27 35.77
C ILE B 69 3.48 2.88 35.68
N PRO B 70 2.37 2.74 34.96
CA PRO B 70 1.71 1.43 34.94
C PRO B 70 2.26 0.46 33.88
N ILE B 71 2.16 -0.85 34.18
CA ILE B 71 2.58 -1.92 33.23
C ILE B 71 1.47 -2.91 32.99
N VAL B 72 0.64 -2.50 32.02
CA VAL B 72 -0.52 -3.23 31.52
C VAL B 72 -0.28 -4.73 31.46
N ASN B 73 0.68 -5.16 30.63
CA ASN B 73 0.93 -6.58 30.39
C ASN B 73 2.32 -7.16 30.55
N LYS B 74 2.36 -8.43 30.88
CA LYS B 74 3.58 -9.21 31.09
C LYS B 74 3.36 -10.52 30.38
N ARG B 75 4.19 -10.84 29.40
CA ARG B 75 3.92 -11.94 28.47
C ARG B 75 5.19 -12.75 28.24
N VAL B 76 5.10 -13.86 27.55
CA VAL B 76 6.24 -14.64 27.21
C VAL B 76 6.02 -15.03 25.76
N SER B 77 7.09 -15.18 24.95
CA SER B 77 6.87 -15.90 23.68
C SER B 77 7.94 -16.96 23.47
N VAL B 78 7.67 -17.92 22.57
CA VAL B 78 8.47 -19.09 22.46
C VAL B 78 8.75 -19.56 21.04
N THR B 79 9.69 -20.48 20.88
CA THR B 79 9.95 -21.12 19.61
C THR B 79 8.65 -21.62 18.98
N PRO B 80 8.45 -21.32 17.73
CA PRO B 80 7.28 -21.92 17.13
C PRO B 80 7.10 -23.41 17.50
N ILE B 81 5.94 -23.75 18.08
CA ILE B 81 5.73 -25.09 18.52
C ILE B 81 5.78 -26.09 17.35
N SER B 82 5.59 -25.66 16.10
CA SER B 82 5.68 -26.71 15.08
C SER B 82 7.02 -27.34 15.01
N LEU B 83 8.06 -26.60 15.30
CA LEU B 83 9.35 -27.20 15.25
C LEU B 83 9.59 -28.17 16.35
N ILE B 84 8.89 -28.00 17.47
CA ILE B 84 8.99 -28.91 18.58
C ILE B 84 8.13 -30.05 18.25
N GLY B 85 6.89 -29.81 17.90
CA GLY B 85 6.07 -30.91 17.38
C GLY B 85 6.79 -31.76 16.33
N ALA B 86 7.62 -31.15 15.49
CA ALA B 86 8.05 -31.82 14.34
C ALA B 86 8.94 -32.94 14.78
N ALA B 87 9.71 -32.74 15.86
CA ALA B 87 10.63 -33.80 16.29
C ALA B 87 9.86 -35.10 16.67
N THR B 88 8.53 -34.99 16.76
CA THR B 88 7.63 -36.03 17.21
C THR B 88 6.90 -36.86 16.13
N ASP B 89 6.25 -37.94 16.53
CA ASP B 89 5.25 -38.63 15.70
C ASP B 89 3.83 -38.21 15.97
N ALA B 90 3.59 -37.39 16.98
CA ALA B 90 2.26 -36.97 17.32
C ALA B 90 1.44 -36.50 16.13
N THR B 91 0.18 -36.47 16.30
CA THR B 91 -0.65 -36.47 15.17
C THR B 91 -1.32 -35.15 15.31
N ASP B 92 -1.09 -34.53 16.48
CA ASP B 92 -1.63 -33.25 16.80
C ASP B 92 -0.75 -32.83 17.96
N TYR B 93 -0.77 -31.53 18.23
CA TYR B 93 0.14 -30.98 19.17
C TYR B 93 -0.51 -30.23 20.36
N VAL B 94 -1.82 -30.39 20.53
CA VAL B 94 -2.52 -29.77 21.60
C VAL B 94 -1.78 -29.91 22.90
N VAL B 95 -1.26 -31.13 23.14
CA VAL B 95 -0.61 -31.47 24.42
C VAL B 95 0.46 -30.42 24.73
N LEU B 96 1.17 -30.00 23.68
CA LEU B 96 2.17 -28.86 23.73
C LEU B 96 1.58 -27.50 24.00
N ALA B 97 0.42 -27.23 23.43
CA ALA B 97 -0.30 -26.03 23.82
C ALA B 97 -0.54 -26.10 25.33
N LYS B 98 -1.00 -27.24 25.85
CA LYS B 98 -1.26 -27.35 27.32
C LYS B 98 -0.05 -27.18 28.19
N ALA B 99 1.13 -27.60 27.75
CA ALA B 99 2.33 -27.30 28.56
C ALA B 99 2.50 -25.79 28.68
N LEU B 100 2.20 -25.06 27.57
CA LEU B 100 2.26 -23.61 27.60
C LEU B 100 1.21 -22.99 28.47
N ASP B 101 -0.05 -23.44 28.43
CA ASP B 101 -1.11 -22.84 29.28
C ASP B 101 -0.81 -22.93 30.77
N LYS B 102 -0.24 -24.08 31.17
CA LYS B 102 0.04 -24.45 32.55
C LYS B 102 1.28 -23.70 32.99
N ALA B 103 2.35 -23.66 32.15
CA ALA B 103 3.41 -22.71 32.43
C ALA B 103 2.87 -21.31 32.61
N ALA B 104 2.11 -20.77 31.67
CA ALA B 104 1.65 -19.40 31.83
C ALA B 104 0.98 -19.19 33.17
N LYS B 105 0.08 -20.13 33.51
CA LYS B 105 -0.85 -19.94 34.61
C LYS B 105 -0.04 -19.81 35.87
N GLU B 106 0.93 -20.74 35.98
CA GLU B 106 1.84 -20.83 37.05
C GLU B 106 2.72 -19.59 37.27
N ILE B 107 3.13 -18.88 36.22
CA ILE B 107 4.07 -17.80 36.41
C ILE B 107 3.34 -16.52 36.41
N GLY B 108 2.02 -16.59 36.17
CA GLY B 108 1.14 -15.41 36.25
C GLY B 108 1.19 -14.45 35.07
N VAL B 109 1.57 -14.85 33.87
CA VAL B 109 1.52 -13.89 32.75
C VAL B 109 0.17 -13.87 32.07
N ASP B 110 -0.04 -12.87 31.27
CA ASP B 110 -1.31 -12.70 30.64
C ASP B 110 -1.43 -13.73 29.47
N PHE B 111 -0.35 -13.92 28.72
CA PHE B 111 -0.44 -14.64 27.50
C PHE B 111 0.89 -15.20 27.19
N ILE B 112 0.90 -16.33 26.54
CA ILE B 112 2.15 -16.82 26.04
C ILE B 112 1.95 -17.17 24.54
N GLY B 113 2.85 -16.64 23.70
CA GLY B 113 2.66 -16.75 22.25
C GLY B 113 3.60 -17.75 21.71
N GLY B 114 3.25 -18.36 20.59
CA GLY B 114 4.18 -19.07 19.72
C GLY B 114 3.72 -20.44 19.31
N PHE B 115 2.46 -20.77 19.56
CA PHE B 115 1.92 -21.98 19.04
C PHE B 115 1.75 -21.63 17.53
N SER B 116 2.89 -21.68 16.80
CA SER B 116 2.94 -21.05 15.50
C SER B 116 3.54 -21.91 14.45
N ALA B 117 3.20 -21.59 13.21
CA ALA B 117 3.95 -22.17 12.13
C ALA B 117 4.32 -21.08 11.10
N LEU B 118 5.34 -21.37 10.28
CA LEU B 118 5.89 -20.49 9.27
C LEU B 118 5.94 -21.26 8.02
N VAL B 119 5.02 -21.01 7.12
CA VAL B 119 4.82 -21.92 6.06
C VAL B 119 4.88 -21.17 4.76
N GLN B 120 5.55 -20.01 4.70
CA GLN B 120 5.68 -19.28 3.39
C GLN B 120 6.35 -19.97 2.23
N LYS B 121 7.26 -20.87 2.46
CA LYS B 121 7.77 -21.56 1.31
C LYS B 121 7.08 -22.87 1.16
N GLY B 122 5.87 -23.12 1.67
CA GLY B 122 5.37 -24.51 1.63
C GLY B 122 5.39 -25.26 2.97
N TYR B 123 4.52 -26.23 3.13
CA TYR B 123 4.44 -26.94 4.41
C TYR B 123 5.65 -27.74 4.63
N GLN B 124 6.31 -27.62 5.76
CA GLN B 124 7.38 -28.59 6.01
C GLN B 124 7.01 -29.61 7.16
N LYS B 125 7.86 -30.59 7.50
CA LYS B 125 7.39 -31.63 8.50
C LYS B 125 6.92 -30.92 9.78
N GLY B 126 5.70 -31.11 10.27
CA GLY B 126 5.24 -30.34 11.47
C GLY B 126 4.19 -29.26 11.20
N ASP B 127 4.20 -28.71 9.98
CA ASP B 127 3.43 -27.52 9.74
C ASP B 127 1.99 -27.82 9.76
N GLU B 128 1.52 -28.78 8.98
CA GLU B 128 0.12 -29.08 8.99
C GLU B 128 -0.43 -29.71 10.29
N ILE B 129 0.36 -30.58 11.00
CA ILE B 129 -0.15 -31.18 12.21
C ILE B 129 -0.29 -29.90 13.07
N LEU B 130 0.69 -28.98 13.02
CA LEU B 130 0.52 -27.85 13.89
C LEU B 130 -0.82 -27.09 13.61
N ILE B 131 -1.04 -26.77 12.37
CA ILE B 131 -2.08 -25.86 12.00
C ILE B 131 -3.43 -26.55 12.28
N ASN B 132 -3.53 -27.82 11.94
CA ASN B 132 -4.77 -28.47 12.30
C ASN B 132 -4.98 -28.70 13.79
N SER B 133 -3.95 -28.42 14.64
CA SER B 133 -4.13 -28.41 16.07
C SER B 133 -4.70 -27.11 16.54
N ILE B 134 -4.67 -26.10 15.69
CA ILE B 134 -5.07 -24.78 16.15
C ILE B 134 -6.51 -24.77 16.76
N PRO B 135 -7.54 -25.21 16.02
CA PRO B 135 -8.88 -25.03 16.60
C PRO B 135 -9.03 -25.65 17.97
N ARG B 136 -8.74 -26.95 18.10
CA ARG B 136 -8.76 -27.59 19.45
C ARG B 136 -7.87 -26.87 20.43
N ALA B 137 -6.60 -26.63 20.03
CA ALA B 137 -5.64 -26.06 21.05
C ALA B 137 -6.15 -24.72 21.61
N LEU B 138 -6.78 -23.90 20.77
CA LEU B 138 -7.14 -22.60 21.22
C LEU B 138 -8.44 -22.66 21.98
N ALA B 139 -9.11 -23.80 21.98
CA ALA B 139 -10.35 -23.87 22.71
C ALA B 139 -10.01 -24.43 24.11
N GLU B 140 -8.95 -25.23 24.21
CA GLU B 140 -8.63 -25.97 25.42
C GLU B 140 -7.50 -25.40 26.29
N THR B 141 -7.21 -24.10 26.09
CA THR B 141 -6.17 -23.33 26.81
C THR B 141 -6.72 -21.90 26.97
N ASP B 142 -6.15 -21.06 27.82
CA ASP B 142 -6.80 -19.78 28.08
C ASP B 142 -5.81 -18.67 27.81
N LYS B 143 -4.57 -18.99 28.09
CA LYS B 143 -3.59 -18.02 27.91
C LYS B 143 -2.66 -18.23 26.67
N VAL B 144 -2.94 -19.22 25.81
CA VAL B 144 -1.99 -19.45 24.73
C VAL B 144 -2.42 -18.77 23.41
N CYS B 145 -1.49 -18.18 22.68
CA CYS B 145 -1.88 -17.61 21.38
C CYS B 145 -1.24 -18.25 20.22
N SER B 146 -1.92 -18.20 19.12
CA SER B 146 -1.21 -18.76 18.00
C SER B 146 -1.02 -17.84 16.76
N SER B 147 0.04 -18.06 16.00
CA SER B 147 0.15 -17.29 14.76
C SER B 147 0.72 -18.12 13.72
N VAL B 148 0.32 -17.84 12.48
CA VAL B 148 0.81 -18.64 11.36
C VAL B 148 1.28 -17.66 10.27
N ASN B 149 2.49 -17.76 9.81
CA ASN B 149 2.97 -16.88 8.78
C ASN B 149 2.90 -17.60 7.41
N ILE B 150 2.16 -16.99 6.47
CA ILE B 150 1.78 -17.59 5.23
C ILE B 150 2.38 -16.89 4.00
N GLY B 151 3.09 -15.77 4.15
CA GLY B 151 3.93 -15.33 2.99
C GLY B 151 5.02 -14.40 3.38
N SER B 152 5.85 -14.05 2.42
CA SER B 152 7.02 -13.20 2.73
C SER B 152 7.43 -12.63 1.42
N THR B 153 7.88 -11.38 1.48
CA THR B 153 8.52 -10.78 0.33
C THR B 153 9.55 -11.63 -0.38
N LYS B 154 10.26 -12.45 0.35
CA LYS B 154 11.27 -13.23 -0.23
C LYS B 154 10.74 -14.54 -0.84
N SER B 155 9.60 -15.12 -0.37
CA SER B 155 9.16 -16.47 -0.81
C SER B 155 7.81 -16.38 -1.51
N GLY B 156 7.19 -15.21 -1.42
CA GLY B 156 5.89 -14.99 -1.95
C GLY B 156 4.79 -15.57 -1.04
N ILE B 157 3.61 -15.87 -1.59
CA ILE B 157 2.51 -16.28 -0.73
C ILE B 157 2.08 -17.72 -0.96
N ASN B 158 1.98 -18.46 0.14
CA ASN B 158 1.56 -19.82 0.03
C ASN B 158 0.05 -19.87 0.15
N THR B 160 -2.04 -22.30 -0.81
CA THR B 160 -2.50 -23.52 -0.20
C THR B 160 -2.71 -23.16 1.23
N ALA B 161 -1.74 -22.49 1.86
CA ALA B 161 -1.97 -22.32 3.28
C ALA B 161 -3.05 -21.27 3.57
N VAL B 162 -3.12 -20.21 2.80
CA VAL B 162 -4.11 -19.19 3.00
C VAL B 162 -5.48 -19.85 2.93
N ALA B 163 -5.77 -20.70 1.93
CA ALA B 163 -7.04 -21.44 1.87
C ALA B 163 -7.24 -22.29 3.16
N ASP B 164 -6.19 -22.99 3.65
CA ASP B 164 -6.41 -23.72 4.90
C ASP B 164 -6.78 -22.84 6.04
N GLY B 166 -8.51 -20.30 5.96
CA GLY B 166 -9.90 -19.89 5.92
C GLY B 166 -10.67 -20.96 6.69
N ARG B 167 -10.52 -22.23 6.33
CA ARG B 167 -11.20 -23.29 7.03
C ARG B 167 -10.82 -23.32 8.52
N ILE B 168 -9.53 -23.14 8.84
CA ILE B 168 -9.09 -23.13 10.20
C ILE B 168 -9.70 -22.05 11.06
N ILE B 169 -9.81 -20.84 10.50
CA ILE B 169 -10.34 -19.74 11.26
C ILE B 169 -11.75 -20.07 11.70
N LYS B 170 -12.54 -20.59 10.77
CA LYS B 170 -13.91 -21.06 11.11
C LYS B 170 -14.00 -22.22 12.13
N GLU B 171 -13.15 -23.22 12.07
CA GLU B 171 -13.24 -24.28 13.07
C GLU B 171 -12.80 -23.76 14.44
N THR B 172 -11.84 -22.89 14.43
CA THR B 172 -11.51 -22.21 15.64
C THR B 172 -12.71 -21.43 16.20
N ALA B 173 -13.53 -20.79 15.35
CA ALA B 173 -14.57 -19.95 15.93
C ALA B 173 -15.71 -20.82 16.43
N ASN B 174 -15.95 -21.97 15.83
CA ASN B 174 -17.20 -22.57 16.25
C ASN B 174 -16.90 -23.50 17.47
N LEU B 175 -15.63 -23.63 17.79
CA LEU B 175 -15.21 -24.49 18.83
C LEU B 175 -14.97 -23.77 20.17
N SER B 176 -15.21 -22.46 20.28
CA SER B 176 -14.98 -21.73 21.52
C SER B 176 -15.28 -20.29 21.27
N ASP B 177 -15.38 -19.53 22.33
CA ASP B 177 -15.90 -18.21 22.18
C ASP B 177 -14.87 -17.33 21.64
N GLY B 179 -11.53 -18.02 21.00
CA GLY B 179 -10.31 -18.62 20.47
C GLY B 179 -9.71 -17.81 19.31
N VAL B 180 -10.56 -17.54 18.31
CA VAL B 180 -10.20 -16.69 17.20
C VAL B 180 -9.59 -15.37 17.70
N ALA B 181 -9.88 -14.95 18.92
CA ALA B 181 -9.17 -13.74 19.45
C ALA B 181 -7.66 -14.01 19.73
N LYS B 182 -7.24 -15.29 19.73
CA LYS B 182 -5.84 -15.58 20.01
C LYS B 182 -5.05 -16.12 18.81
N LEU B 183 -5.67 -16.13 17.64
CA LEU B 183 -5.09 -16.58 16.40
C LEU B 183 -4.80 -15.40 15.46
N VAL B 184 -3.62 -15.32 14.88
CA VAL B 184 -3.42 -14.27 13.95
C VAL B 184 -2.68 -14.82 12.79
N VAL B 185 -3.10 -14.40 11.60
CA VAL B 185 -2.40 -14.79 10.39
C VAL B 185 -1.57 -13.63 9.89
N PHE B 186 -0.39 -13.98 9.42
CA PHE B 186 0.68 -13.04 9.04
C PHE B 186 1.34 -13.24 7.79
N ALA B 187 2.12 -12.24 7.50
CA ALA B 187 2.96 -12.18 6.30
C ALA B 187 4.12 -11.31 6.67
N ASN B 188 5.31 -11.80 6.29
CA ASN B 188 6.54 -11.12 6.65
C ASN B 188 6.77 -11.14 8.16
N ALA B 189 6.27 -12.15 8.80
CA ALA B 189 6.76 -12.41 10.17
C ALA B 189 8.29 -12.69 10.24
N VAL B 190 8.79 -13.81 9.60
CA VAL B 190 10.09 -14.57 9.93
C VAL B 190 11.49 -13.89 9.99
N ASP B 192 12.30 -13.05 14.28
CA ASP B 192 11.44 -11.91 14.64
C ASP B 192 11.20 -11.87 16.17
N ASN B 193 10.84 -10.66 16.66
CA ASN B 193 10.08 -10.40 17.95
C ASN B 193 8.48 -10.19 17.89
N PRO B 194 7.88 -9.21 18.65
CA PRO B 194 6.43 -9.28 18.77
C PRO B 194 5.81 -8.34 17.73
N ALA B 197 0.04 -9.35 19.75
CA ALA B 197 -0.77 -10.55 20.02
C ALA B 197 -0.47 -11.81 19.09
N GLY B 198 0.45 -11.63 18.10
CA GLY B 198 1.10 -12.79 17.36
C GLY B 198 2.61 -13.14 17.59
N ALA B 199 3.11 -12.94 18.80
CA ALA B 199 4.51 -13.04 19.04
C ALA B 199 4.91 -14.50 18.94
N PHE B 200 6.16 -14.71 18.51
CA PHE B 200 6.93 -15.95 18.78
C PHE B 200 8.41 -15.56 18.82
N HIS B 201 9.20 -16.47 19.35
CA HIS B 201 10.63 -16.27 19.59
C HIS B 201 11.38 -17.01 18.48
N GLY B 202 11.99 -16.29 17.53
CA GLY B 202 12.76 -16.87 16.43
C GLY B 202 13.97 -17.70 16.90
N VAL B 203 14.16 -18.84 16.24
CA VAL B 203 15.37 -19.54 16.33
C VAL B 203 16.63 -18.64 16.05
N GLY B 204 17.72 -18.89 16.73
CA GLY B 204 18.82 -17.98 16.55
C GLY B 204 18.52 -16.55 17.06
N GLU B 205 17.64 -16.45 18.05
CA GLU B 205 17.65 -15.36 19.02
C GLU B 205 18.15 -15.98 20.35
N ALA B 206 18.54 -15.11 21.29
CA ALA B 206 19.06 -15.54 22.61
C ALA B 206 18.28 -16.71 23.22
N ASP B 207 18.88 -17.36 24.22
CA ASP B 207 18.14 -18.34 24.92
C ASP B 207 16.91 -17.70 25.63
N VAL B 208 17.10 -16.48 26.16
CA VAL B 208 16.15 -15.73 26.97
C VAL B 208 16.45 -14.26 26.70
N ILE B 209 15.48 -13.41 26.42
CA ILE B 209 15.74 -11.93 26.20
C ILE B 209 14.40 -11.35 26.59
N ILE B 210 14.39 -10.05 26.87
CA ILE B 210 13.21 -9.28 27.21
C ILE B 210 12.99 -8.18 26.21
N ASN B 211 11.81 -8.02 25.63
CA ASN B 211 11.62 -6.90 24.70
C ASN B 211 10.49 -6.15 25.28
N VAL B 212 10.37 -4.86 24.99
CA VAL B 212 9.25 -4.20 25.62
C VAL B 212 8.61 -3.42 24.59
N GLY B 213 7.27 -3.31 24.60
CA GLY B 213 6.68 -2.39 23.70
C GLY B 213 6.06 -1.35 24.55
N VAL B 214 5.98 -0.11 24.04
CA VAL B 214 5.54 1.02 24.88
C VAL B 214 4.37 1.81 24.30
N SER B 215 3.67 2.47 25.25
CA SER B 215 2.48 3.40 25.09
C SER B 215 2.17 3.94 23.67
N GLY B 216 2.08 5.28 23.65
CA GLY B 216 1.91 5.99 22.44
C GLY B 216 0.88 7.13 22.50
N PRO B 217 -0.30 6.87 21.86
CA PRO B 217 -1.35 7.74 21.33
C PRO B 217 -1.64 8.94 22.18
N GLY B 218 -2.17 8.68 23.36
CA GLY B 218 -2.40 9.68 24.40
C GLY B 218 -1.28 10.67 24.54
N VAL B 219 -0.07 10.19 24.58
CA VAL B 219 1.08 11.02 24.74
C VAL B 219 1.25 11.85 23.51
N VAL B 220 0.99 11.28 22.32
CA VAL B 220 1.05 12.00 21.05
C VAL B 220 -0.13 12.95 20.88
N LYS B 221 -1.36 12.50 21.15
CA LYS B 221 -2.50 13.40 21.18
C LYS B 221 -2.13 14.66 22.01
N ARG B 222 -1.68 14.51 23.26
CA ARG B 222 -1.38 15.72 24.05
C ARG B 222 -0.34 16.59 23.39
N ALA B 223 0.53 16.01 22.58
CA ALA B 223 1.56 16.82 21.96
C ALA B 223 1.03 17.48 20.70
N LEU B 224 0.25 16.80 19.88
CA LEU B 224 -0.41 17.59 18.82
C LEU B 224 -1.35 18.76 19.23
N GLU B 225 -2.12 18.60 20.32
CA GLU B 225 -3.04 19.67 20.75
C GLU B 225 -2.38 21.05 20.91
N LYS B 226 -1.08 21.02 21.19
CA LYS B 226 -0.22 22.17 21.37
C LYS B 226 0.21 22.71 20.05
N VAL B 227 -0.03 22.01 18.96
CA VAL B 227 0.33 22.65 17.71
C VAL B 227 -0.80 22.80 16.71
N ARG B 228 -2.03 23.01 17.22
CA ARG B 228 -3.18 23.31 16.34
C ARG B 228 -2.86 24.46 15.39
N GLY B 229 -3.23 24.31 14.12
CA GLY B 229 -3.09 25.34 13.11
C GLY B 229 -1.74 25.39 12.48
N GLN B 230 -0.77 24.76 13.13
CA GLN B 230 0.66 24.75 12.76
C GLN B 230 0.88 23.80 11.51
N SER B 231 1.96 24.03 10.76
CA SER B 231 2.22 23.34 9.51
C SER B 231 2.56 21.85 9.60
N PHE B 232 2.60 21.18 8.47
CA PHE B 232 2.98 19.78 8.46
C PHE B 232 4.40 19.51 8.96
N ASP B 233 5.29 20.42 8.61
CA ASP B 233 6.67 20.37 9.09
C ASP B 233 6.68 20.30 10.62
N VAL B 234 5.90 21.16 11.29
CA VAL B 234 5.89 21.23 12.73
C VAL B 234 5.30 19.95 13.28
N VAL B 235 4.14 19.58 12.71
CA VAL B 235 3.35 18.37 13.12
C VAL B 235 4.29 17.18 13.16
N ALA B 236 5.08 17.02 12.12
CA ALA B 236 5.99 15.94 11.95
C ALA B 236 7.14 16.00 12.92
N GLU B 237 7.73 17.18 13.16
CA GLU B 237 8.80 17.22 14.15
C GLU B 237 8.21 16.81 15.50
N THR B 238 6.97 17.26 15.72
CA THR B 238 6.29 16.86 16.93
C THR B 238 6.12 15.36 17.04
N VAL B 239 5.70 14.68 15.99
CA VAL B 239 5.49 13.25 16.19
C VAL B 239 6.83 12.57 16.55
N LYS B 240 7.89 12.94 15.83
CA LYS B 240 9.22 12.38 15.96
C LYS B 240 9.83 12.59 17.37
N LYS B 241 9.71 13.83 17.91
CA LYS B 241 10.28 14.16 19.26
C LYS B 241 9.55 13.41 20.32
N THR B 242 8.25 13.22 20.19
CA THR B 242 7.46 12.46 21.18
C THR B 242 7.86 11.03 21.09
N ALA B 243 8.13 10.60 19.86
CA ALA B 243 8.39 9.20 19.71
C ALA B 243 9.80 8.94 20.26
N PHE B 244 10.62 9.95 20.19
CA PHE B 244 11.97 9.70 20.63
C PHE B 244 11.94 9.47 22.17
N LYS B 245 11.18 10.31 22.87
CA LYS B 245 11.03 10.12 24.30
C LYS B 245 10.31 8.80 24.55
N ILE B 246 9.20 8.57 23.85
CA ILE B 246 8.46 7.33 24.17
C ILE B 246 9.42 6.11 24.11
N THR B 247 10.32 6.15 23.13
CA THR B 247 11.23 5.05 23.01
C THR B 247 12.28 4.98 24.15
N ARG B 248 12.77 6.16 24.55
CA ARG B 248 13.72 6.17 25.66
C ARG B 248 13.16 5.51 26.86
N ILE B 249 11.90 5.78 27.21
CA ILE B 249 11.34 5.17 28.45
C ILE B 249 11.33 3.68 28.34
N GLY B 250 11.08 3.21 27.10
CA GLY B 250 11.02 1.79 26.81
C GLY B 250 12.41 1.19 27.14
N GLN B 251 13.43 1.94 26.75
CA GLN B 251 14.77 1.40 26.91
C GLN B 251 15.07 1.37 28.34
N LEU B 252 14.64 2.39 29.07
CA LEU B 252 14.95 2.42 30.51
C LEU B 252 14.28 1.19 31.14
N VAL B 253 12.98 1.01 30.90
CA VAL B 253 12.35 -0.17 31.42
C VAL B 253 13.03 -1.42 30.93
N GLY B 254 13.39 -1.56 29.68
CA GLY B 254 14.04 -2.80 29.32
C GLY B 254 15.42 -3.07 29.95
N GLN B 255 16.19 -1.99 30.22
CA GLN B 255 17.49 -2.20 30.76
C GLN B 255 17.33 -2.61 32.19
N ALA B 257 14.58 -4.05 33.72
CA ALA B 257 14.10 -5.43 33.61
C ALA B 257 15.21 -6.49 33.33
N SER B 258 16.07 -6.19 32.39
CA SER B 258 17.08 -7.10 31.93
C SER B 258 18.17 -7.36 33.00
N GLU B 259 18.65 -6.30 33.61
CA GLU B 259 19.44 -6.41 34.83
C GLU B 259 18.86 -7.20 35.95
N ARG B 260 17.73 -6.78 36.53
CA ARG B 260 17.07 -7.57 37.60
C ARG B 260 16.77 -9.01 37.27
N LEU B 261 16.46 -9.34 36.00
CA LEU B 261 16.30 -10.75 35.65
C LEU B 261 17.56 -11.46 35.26
N GLY B 262 18.66 -10.74 35.01
CA GLY B 262 19.96 -11.31 34.63
C GLY B 262 19.79 -11.97 33.28
N VAL B 263 19.33 -11.16 32.31
CA VAL B 263 18.91 -11.60 30.99
C VAL B 263 19.16 -10.40 30.05
N GLU B 264 19.52 -10.65 28.80
CA GLU B 264 19.81 -9.61 27.89
C GLU B 264 18.54 -8.87 27.60
N PHE B 265 18.67 -7.57 27.25
CA PHE B 265 17.57 -6.82 26.70
C PHE B 265 17.69 -6.74 25.22
N GLY B 266 16.59 -6.88 24.52
CA GLY B 266 16.66 -6.87 23.07
C GLY B 266 16.14 -5.57 22.50
N ILE B 267 14.91 -5.53 21.99
CA ILE B 267 14.42 -4.23 21.49
C ILE B 267 13.20 -3.64 22.12
N VAL B 268 12.91 -2.39 21.73
CA VAL B 268 11.66 -1.81 22.18
C VAL B 268 10.94 -1.52 20.95
N ASP B 269 9.64 -1.67 20.92
CA ASP B 269 9.01 -1.11 19.81
C ASP B 269 7.71 -0.32 20.00
N LEU B 270 7.49 0.58 19.00
CA LEU B 270 6.16 0.91 18.29
C LEU B 270 4.74 1.06 19.07
N SER B 271 3.58 1.15 18.35
CA SER B 271 2.42 2.01 18.89
C SER B 271 0.87 1.82 18.57
N LEU B 272 0.27 0.79 19.15
CA LEU B 272 -1.19 0.59 19.10
C LEU B 272 -1.88 1.51 20.11
N ALA B 273 -2.72 0.93 21.00
CA ALA B 273 -3.78 1.64 21.77
C ALA B 273 -4.74 0.73 22.53
N PRO B 274 -4.84 0.84 23.90
CA PRO B 274 -5.33 -0.23 24.82
C PRO B 274 -6.84 -0.19 25.08
N VAL B 278 -4.45 3.37 29.08
CA VAL B 278 -5.27 2.14 28.97
C VAL B 278 -6.74 2.44 28.65
N GLY B 279 -7.02 3.75 28.46
CA GLY B 279 -8.26 4.22 27.83
C GLY B 279 -7.88 5.16 26.68
N ASP B 280 -6.88 4.75 25.86
CA ASP B 280 -6.08 5.59 24.88
C ASP B 280 -6.83 6.19 23.69
N SER B 281 -6.21 6.13 22.50
CA SER B 281 -6.55 7.06 21.44
C SER B 281 -6.50 6.50 20.01
N VAL B 282 -5.43 6.83 19.26
CA VAL B 282 -5.16 6.64 17.76
C VAL B 282 -6.11 7.25 16.72
N ALA B 283 -7.35 6.78 16.70
CA ALA B 283 -8.37 7.41 15.96
C ALA B 283 -8.39 8.82 16.45
N ARG B 284 -8.34 9.06 17.75
CA ARG B 284 -8.27 10.50 18.10
C ARG B 284 -6.95 11.24 17.60
N VAL B 285 -5.82 10.47 17.49
CA VAL B 285 -4.59 11.09 17.13
C VAL B 285 -4.77 11.63 15.72
N LEU B 286 -5.24 10.76 14.83
CA LEU B 286 -5.45 11.18 13.44
C LEU B 286 -6.45 12.32 13.38
N GLU B 287 -7.61 12.20 14.01
CA GLU B 287 -8.55 13.30 14.12
C GLU B 287 -7.95 14.59 14.64
N GLU B 288 -7.04 14.58 15.62
CA GLU B 288 -6.41 15.86 16.10
C GLU B 288 -5.49 16.58 15.08
N GLY B 290 -6.43 17.03 12.38
CA GLY B 290 -7.35 17.99 11.81
C GLY B 290 -8.31 17.36 10.83
N LEU B 291 -8.61 16.10 11.05
CA LEU B 291 -9.67 15.47 10.31
C LEU B 291 -10.87 15.31 11.24
N GLU B 292 -12.07 15.22 10.68
CA GLU B 292 -13.27 15.37 11.47
C GLU B 292 -13.58 14.05 12.00
N THR B 293 -13.59 13.06 11.13
CA THR B 293 -13.72 11.73 11.63
C THR B 293 -12.67 10.78 11.04
N VAL B 294 -12.19 9.85 11.86
CA VAL B 294 -11.28 8.86 11.32
C VAL B 294 -11.95 8.17 10.10
N GLY B 295 -11.23 7.95 8.99
CA GLY B 295 -11.81 7.18 7.88
C GLY B 295 -12.13 8.08 6.74
N THR B 296 -12.35 9.36 7.05
CA THR B 296 -12.59 10.31 5.99
C THR B 296 -11.34 10.57 5.10
N HIS B 297 -11.54 11.40 4.07
CA HIS B 297 -10.43 11.67 3.15
C HIS B 297 -9.24 12.39 3.85
N GLY B 298 -8.09 11.82 3.78
CA GLY B 298 -7.01 12.44 4.45
C GLY B 298 -6.40 11.50 5.42
N THR B 299 -7.20 10.58 5.88
CA THR B 299 -6.87 9.71 6.99
C THR B 299 -5.72 8.86 6.64
N THR B 300 -5.49 8.63 5.35
CA THR B 300 -4.40 7.76 5.11
C THR B 300 -3.05 8.49 5.02
N ALA B 301 -3.07 9.72 4.58
CA ALA B 301 -1.89 10.55 4.70
C ALA B 301 -1.64 10.81 6.15
N ALA B 302 -2.65 11.11 6.92
CA ALA B 302 -2.40 11.35 8.31
C ALA B 302 -1.72 10.13 8.95
N LEU B 303 -2.25 8.94 8.79
CA LEU B 303 -1.60 7.81 9.43
C LEU B 303 -0.27 7.46 8.82
N ALA B 304 -0.03 7.78 7.55
CA ALA B 304 1.35 7.67 6.97
C ALA B 304 2.26 8.65 7.65
N LEU B 305 1.77 9.85 7.96
CA LEU B 305 2.54 10.76 8.73
C LEU B 305 2.92 10.19 10.12
N LEU B 306 1.92 9.64 10.84
CA LEU B 306 2.09 9.16 12.19
C LEU B 306 3.11 8.14 12.14
N ASN B 307 2.81 7.07 11.43
CA ASN B 307 3.68 5.96 11.35
C ASN B 307 5.11 6.36 11.02
N ASP B 308 5.31 7.09 9.91
CA ASP B 308 6.65 7.35 9.43
C ASP B 308 7.50 8.08 10.44
N GLN B 309 6.90 9.11 11.05
CA GLN B 309 7.62 9.95 11.93
C GLN B 309 7.86 9.17 13.18
N VAL B 310 6.92 8.38 13.66
CA VAL B 310 7.15 7.62 14.88
C VAL B 310 8.40 6.71 14.67
N LYS B 311 8.43 5.99 13.54
CA LYS B 311 9.52 5.15 13.12
C LYS B 311 10.81 5.94 13.20
N LYS B 312 10.81 7.18 12.77
CA LYS B 312 12.05 7.87 12.76
C LYS B 312 12.46 8.37 14.10
N GLY B 313 11.54 8.90 14.89
CA GLY B 313 11.75 9.02 16.36
C GLY B 313 12.44 7.79 17.01
N GLY B 314 11.85 6.63 16.80
CA GLY B 314 12.43 5.47 17.39
C GLY B 314 13.83 5.15 16.88
N VAL B 315 14.09 5.39 15.62
CA VAL B 315 15.44 5.13 15.15
C VAL B 315 16.40 6.17 15.74
N ALA B 317 16.66 6.88 18.68
CA ALA B 317 17.31 6.26 19.84
C ALA B 317 17.87 4.82 19.64
N CYS B 318 17.94 4.30 18.39
CA CYS B 318 18.17 2.88 17.98
C CYS B 318 17.16 1.98 18.63
N ASN B 319 16.40 1.27 17.82
CA ASN B 319 15.28 0.48 18.29
C ASN B 319 15.12 -0.66 17.31
N GLN B 320 14.00 -0.55 16.58
CA GLN B 320 13.64 -1.42 15.48
C GLN B 320 12.71 -2.63 15.91
N GLU B 333 -10.31 -3.07 21.03
CA GLU B 333 -9.59 -1.89 21.52
C GLU B 333 -9.85 -0.78 20.51
N ASP B 334 -9.53 0.46 20.95
CA ASP B 334 -9.66 1.74 20.19
C ASP B 334 -11.09 2.24 19.89
N GLU B 335 -11.70 2.87 20.89
CA GLU B 335 -13.03 3.46 20.82
C GLU B 335 -13.18 4.52 19.75
N GLY B 336 -12.02 5.10 19.34
CA GLY B 336 -11.98 6.06 18.28
C GLY B 336 -12.54 5.32 17.06
N ILE B 338 -14.20 2.38 16.88
CA ILE B 338 -15.43 1.69 16.74
C ILE B 338 -16.57 2.70 16.44
N ALA B 339 -16.44 3.89 16.97
CA ALA B 339 -17.51 4.86 16.81
C ALA B 339 -17.64 5.20 15.30
N ALA B 340 -16.49 5.18 14.64
CA ALA B 340 -16.39 5.47 13.24
C ALA B 340 -16.90 4.25 12.39
N VAL B 341 -16.86 3.06 12.98
CA VAL B 341 -17.41 1.96 12.25
C VAL B 341 -18.92 2.10 12.31
N GLN B 342 -19.43 2.41 13.50
CA GLN B 342 -20.86 2.60 13.72
C GLN B 342 -21.41 3.79 12.98
N ASN B 343 -20.80 4.95 13.03
CA ASN B 343 -21.42 6.04 12.29
C ASN B 343 -21.16 5.86 10.78
N GLY B 344 -20.60 4.69 10.47
CA GLY B 344 -20.32 4.27 9.13
C GLY B 344 -19.37 5.19 8.39
N SER B 345 -18.35 5.74 9.05
CA SER B 345 -17.44 6.52 8.23
C SER B 345 -16.09 5.92 8.26
N LEU B 346 -16.05 4.74 8.88
CA LEU B 346 -14.97 3.76 8.76
C LEU B 346 -15.53 2.44 8.26
N ASN B 347 -14.78 1.88 7.33
CA ASN B 347 -15.22 0.96 6.31
C ASN B 347 -14.08 -0.10 6.25
N LEU B 348 -14.41 -1.35 5.96
CA LEU B 348 -13.39 -2.39 5.85
C LEU B 348 -12.34 -2.09 4.78
N GLU B 349 -12.74 -1.55 3.65
CA GLU B 349 -11.71 -1.25 2.64
C GLU B 349 -10.85 0.00 2.91
N LYS B 350 -11.37 0.90 3.77
CA LYS B 350 -10.51 1.96 4.27
C LYS B 350 -9.43 1.32 5.08
N LEU B 351 -9.85 0.35 5.92
CA LEU B 351 -8.89 -0.20 6.82
C LEU B 351 -7.86 -0.95 5.94
N GLU B 352 -8.35 -1.57 4.89
CA GLU B 352 -7.42 -2.29 4.10
C GLU B 352 -6.47 -1.26 3.48
N ALA B 353 -7.02 -0.15 3.06
CA ALA B 353 -6.24 0.90 2.49
C ALA B 353 -5.13 1.28 3.44
N THR B 355 -3.82 -0.30 5.78
CA THR B 355 -2.74 -1.27 6.00
C THR B 355 -1.59 -1.13 5.01
N ALA B 356 -1.82 -0.42 3.92
CA ALA B 356 -0.78 -0.16 2.92
C ALA B 356 0.36 0.63 3.44
N ILE B 357 0.09 1.59 4.31
CA ILE B 357 1.13 2.50 4.81
C ILE B 357 1.57 2.19 6.23
N CYS B 358 1.26 1.00 6.69
CA CYS B 358 1.28 0.86 8.12
C CYS B 358 1.01 -0.41 8.93
N SER B 359 -0.26 -0.69 9.33
CA SER B 359 -0.61 -1.72 10.41
C SER B 359 0.59 -2.26 11.23
N ASP B 363 -5.81 -5.07 13.42
CA ASP B 363 -6.46 -6.36 13.62
C ASP B 363 -7.70 -6.32 14.60
N ILE B 365 -10.83 -7.39 13.65
CA ILE B 365 -11.81 -6.97 12.74
C ILE B 365 -12.92 -8.03 13.06
N ALA B 366 -14.17 -7.64 13.37
CA ALA B 366 -15.29 -8.64 13.41
C ALA B 366 -16.06 -8.75 12.11
N ILE B 367 -16.31 -9.97 11.67
CA ILE B 367 -17.11 -10.13 10.48
C ILE B 367 -18.27 -11.08 10.75
N PRO B 368 -19.30 -11.12 9.90
CA PRO B 368 -20.38 -12.02 10.32
C PRO B 368 -19.98 -13.46 10.32
N GLU B 369 -20.56 -14.22 11.23
CA GLU B 369 -20.21 -15.60 11.43
C GLU B 369 -20.42 -16.49 10.20
N ASP B 370 -21.38 -16.16 9.37
CA ASP B 370 -21.80 -17.13 8.39
C ASP B 370 -20.89 -17.02 7.17
N THR B 371 -19.90 -16.12 7.27
CA THR B 371 -18.97 -15.79 6.17
C THR B 371 -18.24 -17.01 5.63
N PRO B 372 -18.30 -17.22 4.31
CA PRO B 372 -17.80 -18.49 3.77
C PRO B 372 -16.29 -18.59 3.95
N ALA B 373 -15.71 -19.78 4.07
CA ALA B 373 -14.27 -19.88 4.34
C ALA B 373 -13.37 -19.13 3.26
N GLU B 374 -13.65 -19.38 1.99
CA GLU B 374 -12.90 -18.68 0.95
C GLU B 374 -12.95 -17.11 1.05
N THR B 375 -13.91 -16.55 1.71
CA THR B 375 -13.91 -15.12 1.82
C THR B 375 -12.87 -14.67 2.82
N ILE B 376 -12.77 -15.38 3.92
CA ILE B 376 -11.72 -15.21 4.90
C ILE B 376 -10.34 -15.42 4.30
N ALA B 377 -10.20 -16.48 3.51
CA ALA B 377 -8.94 -16.71 2.84
C ALA B 377 -8.55 -15.45 2.01
N ALA B 378 -9.51 -14.91 1.24
CA ALA B 378 -9.19 -13.81 0.30
C ALA B 378 -8.93 -12.51 1.05
N ILE B 380 -7.35 -12.53 3.70
CA ILE B 380 -6.00 -12.75 4.17
C ILE B 380 -5.07 -12.48 2.98
N ALA B 381 -5.43 -13.04 1.81
CA ALA B 381 -4.63 -12.92 0.63
C ALA B 381 -4.52 -11.44 0.33
N ASP B 382 -5.62 -10.69 0.43
CA ASP B 382 -5.54 -9.31 0.10
C ASP B 382 -4.49 -8.66 0.99
N GLU B 383 -4.59 -8.90 2.30
CA GLU B 383 -3.66 -8.33 3.22
C GLU B 383 -2.20 -8.81 2.99
N ALA B 384 -1.95 -10.09 2.79
CA ALA B 384 -0.60 -10.55 2.63
C ALA B 384 0.03 -9.91 1.36
N ALA B 385 -0.80 -9.63 0.32
CA ALA B 385 -0.23 -9.11 -0.94
C ALA B 385 0.36 -7.76 -0.72
N ILE B 386 -0.39 -6.90 -0.08
CA ILE B 386 0.10 -5.63 0.30
C ILE B 386 1.39 -5.81 1.08
N GLY B 387 1.39 -6.76 2.01
CA GLY B 387 2.58 -6.85 2.88
C GLY B 387 3.77 -7.30 2.08
N VAL B 388 3.50 -8.18 1.14
CA VAL B 388 4.56 -8.86 0.46
C VAL B 388 5.10 -7.95 -0.60
N ILE B 389 4.25 -7.21 -1.30
CA ILE B 389 4.84 -6.51 -2.40
C ILE B 389 5.50 -5.28 -1.87
N ASN B 390 5.20 -4.88 -0.64
CA ASN B 390 5.66 -3.60 -0.14
C ASN B 390 6.65 -3.66 1.08
N LYS B 392 6.55 -5.10 3.93
CA LYS B 392 5.88 -4.81 5.16
C LYS B 392 5.36 -6.06 5.83
N THR B 393 5.24 -5.93 7.13
CA THR B 393 4.65 -6.97 7.96
C THR B 393 3.12 -6.97 7.98
N THR B 394 2.40 -7.95 7.47
CA THR B 394 1.00 -7.89 7.76
C THR B 394 0.39 -8.97 8.61
N ALA B 395 -0.72 -8.63 9.27
CA ALA B 395 -1.30 -9.49 10.36
C ALA B 395 -2.79 -9.34 10.45
N VAL B 396 -3.57 -10.31 9.96
CA VAL B 396 -5.03 -10.35 10.08
C VAL B 396 -5.52 -11.06 11.32
N ARG B 397 -6.45 -10.49 12.01
CA ARG B 397 -7.16 -11.30 13.02
C ARG B 397 -8.62 -11.19 12.80
N ILE B 398 -9.21 -12.20 12.19
CA ILE B 398 -10.57 -12.05 11.84
C ILE B 398 -11.48 -12.73 12.87
N ILE B 399 -12.57 -12.15 13.27
CA ILE B 399 -13.42 -12.83 14.25
C ILE B 399 -14.74 -13.16 13.62
N PRO B 400 -14.96 -14.38 13.20
CA PRO B 400 -16.22 -14.29 12.51
C PRO B 400 -17.27 -14.82 13.43
N LYS B 401 -18.05 -13.93 14.00
CA LYS B 401 -19.13 -14.30 14.93
C LYS B 401 -20.20 -13.26 14.74
N GLY B 402 -21.47 -13.64 14.63
CA GLY B 402 -22.55 -12.63 14.70
C GLY B 402 -23.20 -12.33 13.38
N LYS B 403 -23.90 -11.20 13.30
CA LYS B 403 -24.69 -10.81 12.12
C LYS B 403 -24.42 -9.39 11.61
N GLU B 404 -24.76 -9.21 10.34
CA GLU B 404 -24.54 -7.97 9.55
C GLU B 404 -23.97 -6.77 10.33
N GLY B 405 -24.52 -6.42 11.49
CA GLY B 405 -24.12 -5.20 12.19
C GLY B 405 -24.16 -5.24 13.69
N ASP B 406 -23.95 -6.42 14.28
CA ASP B 406 -23.93 -6.61 15.76
C ASP B 406 -22.89 -5.80 16.59
N ILE B 408 -19.90 -7.88 19.07
CA ILE B 408 -19.10 -8.79 19.94
C ILE B 408 -18.40 -8.07 21.14
N GLU B 409 -17.81 -8.81 22.12
CA GLU B 409 -17.14 -8.24 23.37
C GLU B 409 -16.06 -9.15 23.97
N PHE B 410 -14.85 -8.64 24.17
CA PHE B 410 -13.78 -9.51 24.70
C PHE B 410 -12.95 -8.95 25.88
N ALA B 417 -15.40 -4.60 19.27
CA ALA B 417 -15.52 -5.02 17.86
C ALA B 417 -16.93 -4.74 17.20
N PRO B 418 -17.11 -3.79 16.26
CA PRO B 418 -18.40 -3.93 15.55
C PRO B 418 -18.24 -4.96 14.41
N VAL B 419 -19.18 -5.90 14.31
CA VAL B 419 -19.23 -6.86 13.23
C VAL B 419 -19.46 -6.13 11.94
N LYS B 421 -19.54 -5.05 7.59
CA LYS B 421 -20.04 -5.42 6.26
C LYS B 421 -18.97 -6.21 5.49
N VAL B 422 -19.40 -7.32 4.93
CA VAL B 422 -18.52 -8.12 4.15
C VAL B 422 -19.07 -8.17 2.68
N ASN B 423 -18.23 -7.88 1.68
CA ASN B 423 -18.64 -8.06 0.27
C ASN B 423 -19.12 -9.52 -0.07
N GLY B 424 -20.33 -9.63 -0.61
CA GLY B 424 -21.02 -10.88 -0.60
C GLY B 424 -20.70 -11.65 -1.86
N ALA B 425 -19.95 -11.03 -2.79
CA ALA B 425 -19.55 -11.64 -4.09
C ALA B 425 -18.41 -12.63 -3.84
N SER B 426 -18.52 -13.81 -4.37
CA SER B 426 -17.75 -14.96 -4.07
C SER B 426 -16.29 -14.81 -4.46
N SER B 427 -15.44 -15.56 -3.72
CA SER B 427 -14.01 -15.67 -4.00
C SER B 427 -13.63 -17.18 -4.14
N VAL B 428 -14.65 -18.04 -4.26
CA VAL B 428 -14.38 -19.45 -4.15
C VAL B 428 -13.33 -19.97 -5.12
N ASP B 429 -13.46 -19.47 -6.35
CA ASP B 429 -12.70 -19.98 -7.48
C ASP B 429 -11.24 -19.67 -7.29
N PHE B 430 -10.94 -18.40 -7.20
CA PHE B 430 -9.70 -17.96 -6.67
C PHE B 430 -9.03 -18.87 -5.61
N ILE B 431 -9.60 -18.88 -4.44
CA ILE B 431 -9.14 -19.69 -3.38
C ILE B 431 -9.06 -21.19 -3.65
N SER B 432 -9.86 -21.73 -4.52
CA SER B 432 -9.62 -23.12 -4.89
C SER B 432 -8.38 -23.39 -5.71
N ARG B 433 -7.74 -22.35 -6.30
CA ARG B 433 -6.62 -22.60 -7.17
C ARG B 433 -5.44 -23.34 -6.56
N GLY B 434 -4.94 -22.88 -5.41
CA GLY B 434 -3.89 -23.61 -4.68
C GLY B 434 -2.55 -23.09 -5.09
N GLY B 435 -1.48 -23.44 -4.36
CA GLY B 435 -0.17 -23.18 -4.93
C GLY B 435 0.51 -21.99 -4.33
N GLN B 436 1.51 -21.50 -5.07
CA GLN B 436 2.37 -20.50 -4.53
C GLN B 436 2.36 -19.27 -5.39
N ILE B 437 2.10 -18.12 -4.80
CA ILE B 437 2.28 -16.91 -5.60
C ILE B 437 3.71 -16.53 -5.34
N PRO B 438 4.53 -16.47 -6.38
CA PRO B 438 6.01 -16.29 -6.30
C PRO B 438 6.45 -14.93 -5.82
N ALA B 439 7.79 -14.71 -5.71
CA ALA B 439 8.53 -13.49 -6.36
C ALA B 439 8.34 -12.60 -5.29
N PRO B 440 7.94 -11.32 -5.50
CA PRO B 440 7.85 -10.14 -6.41
C PRO B 440 9.21 -9.62 -6.97
N ILE B 441 9.18 -8.89 -8.10
CA ILE B 441 10.39 -8.48 -8.92
C ILE B 441 11.50 -7.94 -8.04
#